data_6D6P
#
_entry.id   6D6P
#
_cell.length_a   56.130
_cell.length_b   84.610
_cell.length_c   77.170
_cell.angle_alpha   90.00
_cell.angle_beta   101.41
_cell.angle_gamma   90.00
#
_symmetry.space_group_name_H-M   'P 1 21 1'
#
loop_
_entity.id
_entity.type
_entity.pdbx_description
1 polymer 'Transcriptional activator protein LasR'
2 non-polymer N-{[3,5-dibromo-2-(methoxymethoxy)phenyl]methyl}-2-nitrobenzamide
3 water water
#
_entity_poly.entity_id   1
_entity_poly.type   'polypeptide(L)'
_entity_poly.pdbx_seq_one_letter_code
;MALVDGFLELERSSGKLEWSAILQKMASDLGFSKILFGLLPKDSQDYENAFIVGNYPAAWREHYDRAGYARVDPTVSHCT
QSVLPIFWEPSIYQTRKQHEFFEEASAAGLVYGLTMPLHGARGELGALSLSVEAENRAEANRFMESVLPTLWMLKDYALQ
SGAGLAFEHP
;
_entity_poly.pdbx_strand_id   A,B,C,D
#
# COMPACT_ATOMS: atom_id res chain seq x y z
N GLY A 6 -11.91 1.20 6.12
CA GLY A 6 -12.56 2.25 6.95
C GLY A 6 -13.77 2.88 6.27
N PHE A 7 -13.81 2.79 4.95
CA PHE A 7 -14.86 3.47 4.16
C PHE A 7 -16.24 2.84 4.32
N LEU A 8 -16.27 1.52 4.58
CA LEU A 8 -17.53 0.78 4.76
C LEU A 8 -18.41 1.33 5.89
N GLU A 9 -17.79 1.98 6.87
CA GLU A 9 -18.50 2.59 8.00
C GLU A 9 -19.53 3.62 7.57
N LEU A 10 -19.28 4.32 6.47
CA LEU A 10 -20.20 5.32 5.93
C LEU A 10 -21.52 4.69 5.45
N GLU A 11 -21.42 3.59 4.71
CA GLU A 11 -22.60 2.83 4.29
C GLU A 11 -23.31 2.15 5.45
N ARG A 12 -22.52 1.61 6.37
CA ARG A 12 -23.02 0.84 7.51
C ARG A 12 -23.82 1.71 8.48
N SER A 13 -23.52 3.01 8.53
CA SER A 13 -24.16 3.91 9.49
C SER A 13 -25.63 4.18 9.20
N SER A 14 -26.39 4.44 10.24
CA SER A 14 -27.80 4.77 10.11
C SER A 14 -28.08 6.16 10.67
N GLY A 15 -28.51 7.06 9.79
CA GLY A 15 -28.89 8.40 10.20
C GLY A 15 -27.86 9.45 9.85
N LYS A 16 -28.37 10.65 9.54
CA LYS A 16 -27.56 11.81 9.19
C LYS A 16 -26.51 12.16 10.24
N LEU A 17 -26.86 11.98 11.51
CA LEU A 17 -25.97 12.31 12.62
C LEU A 17 -24.70 11.46 12.65
N GLU A 18 -24.90 10.14 12.65
CA GLU A 18 -23.77 9.20 12.69
C GLU A 18 -22.90 9.32 11.44
N TRP A 19 -23.56 9.42 10.29
CA TRP A 19 -22.88 9.54 9.00
C TRP A 19 -22.00 10.78 8.98
N SER A 20 -22.56 11.92 9.38
CA SER A 20 -21.79 13.17 9.46
C SER A 20 -20.62 13.04 10.42
N ALA A 21 -20.85 12.42 11.59
CA ALA A 21 -19.78 12.22 12.58
C ALA A 21 -18.64 11.38 12.02
N ILE A 22 -19.00 10.29 11.34
CA ILE A 22 -18.01 9.41 10.69
C ILE A 22 -17.21 10.16 9.62
N LEU A 23 -17.90 10.89 8.74
CA LEU A 23 -17.21 11.66 7.68
C LEU A 23 -16.26 12.70 8.29
N GLN A 24 -16.74 13.40 9.31
CA GLN A 24 -15.92 14.41 9.99
C GLN A 24 -14.66 13.80 10.60
N LYS A 25 -14.82 12.63 11.22
CA LYS A 25 -13.70 11.92 11.82
C LYS A 25 -12.69 11.44 10.79
N MET A 26 -13.19 10.92 9.66
CA MET A 26 -12.33 10.49 8.56
C MET A 26 -11.52 11.66 8.01
N ALA A 27 -12.20 12.80 7.83
CA ALA A 27 -11.55 14.01 7.34
C ALA A 27 -10.50 14.51 8.33
N SER A 28 -10.85 14.47 9.62
CA SER A 28 -9.92 14.87 10.69
C SER A 28 -8.67 14.01 10.68
N ASP A 29 -8.86 12.70 10.52
CA ASP A 29 -7.74 11.75 10.41
C ASP A 29 -6.81 12.06 9.23
N LEU A 30 -7.37 12.67 8.17
CA LEU A 30 -6.57 13.06 7.00
C LEU A 30 -5.96 14.45 7.13
N GLY A 31 -6.26 15.12 8.24
CA GLY A 31 -5.60 16.39 8.59
C GLY A 31 -6.49 17.61 8.44
N PHE A 32 -7.78 17.40 8.17
CA PHE A 32 -8.72 18.49 7.94
C PHE A 32 -9.66 18.72 9.10
N SER A 33 -9.55 19.85 9.77
CA SER A 33 -10.36 20.11 10.97
C SER A 33 -11.81 20.57 10.70
N LYS A 34 -12.06 21.13 9.53
CA LYS A 34 -13.41 21.62 9.18
C LYS A 34 -13.81 21.10 7.81
N ILE A 35 -15.01 20.54 7.70
CA ILE A 35 -15.49 20.06 6.42
C ILE A 35 -16.93 20.44 6.19
N LEU A 36 -17.31 20.53 4.91
CA LEU A 36 -18.70 20.72 4.55
C LEU A 36 -19.05 19.84 3.36
N PHE A 37 -20.07 19.01 3.52
CA PHE A 37 -20.54 18.13 2.45
C PHE A 37 -21.88 18.67 2.03
N GLY A 38 -21.99 19.04 0.75
CA GLY A 38 -23.23 19.58 0.20
C GLY A 38 -23.64 18.80 -1.03
N LEU A 39 -24.94 18.53 -1.16
CA LEU A 39 -25.44 17.76 -2.29
C LEU A 39 -26.83 18.23 -2.66
N LEU A 40 -27.00 18.49 -3.96
CA LEU A 40 -28.29 18.89 -4.55
C LEU A 40 -28.83 17.78 -5.43
N PRO A 41 -30.17 17.61 -5.48
CA PRO A 41 -30.81 16.73 -6.46
C PRO A 41 -30.54 17.18 -7.90
N LYS A 42 -30.64 16.24 -8.84
CA LYS A 42 -30.51 16.55 -10.27
C LYS A 42 -31.31 17.79 -10.68
N ASP A 43 -30.65 18.68 -11.43
CA ASP A 43 -31.26 19.90 -11.99
C ASP A 43 -31.96 20.82 -10.97
N SER A 44 -31.43 20.87 -9.75
CA SER A 44 -31.94 21.77 -8.73
C SER A 44 -31.79 23.23 -9.15
N GLN A 45 -32.83 24.02 -8.89
CA GLN A 45 -32.88 25.43 -9.32
C GLN A 45 -32.62 26.40 -8.18
N ASP A 46 -32.62 25.88 -6.95
CA ASP A 46 -32.28 26.63 -5.74
C ASP A 46 -31.68 25.66 -4.72
N TYR A 47 -31.56 26.11 -3.46
CA TYR A 47 -30.93 25.32 -2.39
C TYR A 47 -31.92 24.73 -1.39
N GLU A 48 -33.20 24.88 -1.69
CA GLU A 48 -34.26 24.43 -0.79
C GLU A 48 -34.17 22.94 -0.49
N ASN A 49 -33.76 22.15 -1.48
CA ASN A 49 -33.73 20.69 -1.36
C ASN A 49 -32.33 20.14 -1.14
N ALA A 50 -31.41 21.01 -0.74
CA ALA A 50 -30.04 20.59 -0.51
C ALA A 50 -29.86 19.79 0.79
N PHE A 51 -28.92 18.87 0.74
CA PHE A 51 -28.46 18.14 1.92
C PHE A 51 -27.06 18.67 2.24
N ILE A 52 -26.95 19.36 3.37
CA ILE A 52 -25.68 20.01 3.74
C ILE A 52 -25.33 19.64 5.18
N VAL A 53 -24.20 18.95 5.33
CA VAL A 53 -23.76 18.55 6.67
C VAL A 53 -22.27 18.82 6.85
N GLY A 54 -21.85 18.99 8.09
CA GLY A 54 -20.44 19.17 8.41
C GLY A 54 -20.22 19.95 9.70
N ASN A 55 -19.00 20.44 9.89
CA ASN A 55 -18.68 21.18 11.12
C ASN A 55 -18.12 22.58 10.86
N TYR A 56 -18.45 23.18 9.71
CA TYR A 56 -18.18 24.60 9.52
C TYR A 56 -18.93 25.37 10.61
N PRO A 57 -18.37 26.48 11.10
CA PRO A 57 -19.06 27.22 12.16
C PRO A 57 -20.43 27.75 11.73
N ALA A 58 -21.38 27.74 12.66
CA ALA A 58 -22.72 28.27 12.42
C ALA A 58 -22.72 29.69 11.86
N ALA A 59 -21.92 30.58 12.46
CA ALA A 59 -21.92 32.00 12.07
C ALA A 59 -21.53 32.18 10.61
N TRP A 60 -20.53 31.41 10.17
CA TRP A 60 -20.07 31.44 8.79
C TRP A 60 -21.12 30.87 7.84
N ARG A 61 -21.72 29.75 8.22
CA ARG A 61 -22.82 29.16 7.44
C ARG A 61 -23.94 30.18 7.20
N GLU A 62 -24.36 30.84 8.28
CA GLU A 62 -25.44 31.84 8.22
C GLU A 62 -25.04 33.02 7.33
N HIS A 63 -23.82 33.53 7.53
CA HIS A 63 -23.34 34.68 6.77
C HIS A 63 -23.22 34.40 5.28
N TYR A 64 -22.65 33.25 4.93
CA TYR A 64 -22.51 32.81 3.55
C TYR A 64 -23.87 32.81 2.85
N ASP A 65 -24.88 32.29 3.54
CA ASP A 65 -26.25 32.26 3.04
C ASP A 65 -26.82 33.66 2.86
N ARG A 66 -26.73 34.47 3.91
CA ARG A 66 -27.33 35.81 3.93
C ARG A 66 -26.65 36.79 2.97
N ALA A 67 -25.35 36.59 2.76
CA ALA A 67 -24.58 37.44 1.85
C ALA A 67 -24.61 36.96 0.39
N GLY A 68 -25.30 35.85 0.14
CA GLY A 68 -25.41 35.27 -1.20
C GLY A 68 -24.10 34.82 -1.80
N TYR A 69 -23.24 34.24 -0.97
CA TYR A 69 -21.90 33.86 -1.42
C TYR A 69 -21.85 32.69 -2.42
N ALA A 70 -22.95 31.93 -2.54
CA ALA A 70 -23.04 30.87 -3.55
C ALA A 70 -22.85 31.45 -4.97
N ARG A 71 -23.09 32.75 -5.11
CA ARG A 71 -22.92 33.44 -6.40
C ARG A 71 -21.59 34.18 -6.53
N VAL A 72 -20.73 34.00 -5.52
CA VAL A 72 -19.44 34.71 -5.45
C VAL A 72 -18.27 33.73 -5.29
N ASP A 73 -18.40 32.87 -4.29
CA ASP A 73 -17.47 31.76 -4.03
C ASP A 73 -17.08 31.08 -5.34
N PRO A 74 -15.80 31.19 -5.75
CA PRO A 74 -15.36 30.67 -7.05
C PRO A 74 -15.49 29.15 -7.19
N THR A 75 -15.55 28.44 -6.07
CA THR A 75 -15.64 26.99 -6.12
C THR A 75 -17.01 26.49 -6.63
N VAL A 76 -18.04 27.31 -6.47
CA VAL A 76 -19.40 26.93 -6.90
C VAL A 76 -19.47 26.73 -8.41
N SER A 77 -19.11 27.75 -9.18
CA SER A 77 -19.08 27.64 -10.63
C SER A 77 -18.10 26.56 -11.09
N HIS A 78 -16.95 26.45 -10.42
CA HIS A 78 -15.98 25.42 -10.74
C HIS A 78 -16.62 24.03 -10.71
N CYS A 79 -17.35 23.74 -9.64
CA CYS A 79 -17.99 22.44 -9.47
C CYS A 79 -18.98 22.10 -10.61
N THR A 80 -19.61 23.11 -11.21
CA THR A 80 -20.52 22.88 -12.34
C THR A 80 -19.81 22.53 -13.65
N GLN A 81 -18.49 22.69 -13.67
CA GLN A 81 -17.68 22.55 -14.89
C GLN A 81 -16.64 21.43 -14.83
N SER A 82 -16.40 20.88 -13.63
CA SER A 82 -15.29 19.97 -13.45
C SER A 82 -15.54 18.90 -12.37
N VAL A 83 -14.82 17.79 -12.53
CA VAL A 83 -14.76 16.74 -11.51
C VAL A 83 -13.45 16.82 -10.70
N LEU A 84 -12.58 17.78 -11.05
CA LEU A 84 -11.30 17.90 -10.36
C LEU A 84 -11.35 18.93 -9.22
N PRO A 85 -10.56 18.73 -8.16
CA PRO A 85 -10.63 19.67 -7.05
C PRO A 85 -10.13 21.06 -7.42
N ILE A 86 -10.68 22.06 -6.73
CA ILE A 86 -10.17 23.42 -6.79
C ILE A 86 -9.59 23.77 -5.42
N PHE A 87 -8.32 24.15 -5.39
CA PHE A 87 -7.69 24.57 -4.15
C PHE A 87 -8.03 26.03 -3.85
N TRP A 88 -8.18 26.34 -2.56
CA TRP A 88 -8.60 27.69 -2.15
C TRP A 88 -7.44 28.66 -2.26
N GLU A 89 -7.54 29.56 -3.23
CA GLU A 89 -6.46 30.51 -3.47
C GLU A 89 -7.04 31.82 -3.96
N PRO A 90 -6.85 32.91 -3.19
CA PRO A 90 -7.07 34.23 -3.77
C PRO A 90 -6.18 34.29 -5.00
N SER A 91 -6.81 34.24 -6.17
CA SER A 91 -6.20 33.80 -7.43
C SER A 91 -7.38 33.24 -8.23
N ILE A 92 -8.12 32.33 -7.59
CA ILE A 92 -9.47 31.96 -8.05
C ILE A 92 -10.43 33.10 -7.70
N TYR A 93 -9.98 33.97 -6.79
CA TYR A 93 -10.60 35.28 -6.56
C TYR A 93 -10.19 36.25 -7.66
N GLN A 94 -11.17 37.00 -8.18
CA GLN A 94 -10.91 38.03 -9.16
C GLN A 94 -11.62 39.34 -8.78
N THR A 95 -12.92 39.26 -8.59
CA THR A 95 -13.77 40.43 -8.37
C THR A 95 -13.64 41.02 -6.97
N ARG A 96 -14.22 42.20 -6.78
CA ARG A 96 -14.29 42.87 -5.49
C ARG A 96 -15.03 42.03 -4.43
N LYS A 97 -16.18 41.48 -4.80
CA LYS A 97 -16.94 40.63 -3.88
C LYS A 97 -16.18 39.34 -3.54
N GLN A 98 -15.39 38.84 -4.50
CA GLN A 98 -14.55 37.67 -4.25
C GLN A 98 -13.42 37.96 -3.28
N HIS A 99 -12.85 39.17 -3.34
CA HIS A 99 -11.86 39.59 -2.35
C HIS A 99 -12.51 39.65 -0.97
N GLU A 100 -13.71 40.22 -0.91
CA GLU A 100 -14.52 40.29 0.29
C GLU A 100 -14.76 38.88 0.86
N PHE A 101 -15.15 37.97 -0.02
CA PHE A 101 -15.41 36.56 0.34
C PHE A 101 -14.18 35.93 0.97
N PHE A 102 -13.03 36.05 0.32
CA PHE A 102 -11.80 35.47 0.88
C PHE A 102 -11.37 36.08 2.20
N GLU A 103 -11.53 37.40 2.32
CA GLU A 103 -11.20 38.09 3.55
C GLU A 103 -12.07 37.58 4.70
N GLU A 104 -13.37 37.48 4.45
CA GLU A 104 -14.31 36.99 5.46
C GLU A 104 -14.11 35.51 5.81
N ALA A 105 -13.86 34.67 4.81
CA ALA A 105 -13.53 33.27 5.07
C ALA A 105 -12.29 33.14 5.98
N SER A 106 -11.25 33.90 5.66
CA SER A 106 -10.02 33.94 6.45
C SER A 106 -10.28 34.35 7.90
N ALA A 107 -11.04 35.43 8.09
CA ALA A 107 -11.45 35.91 9.40
C ALA A 107 -12.25 34.86 10.17
N ALA A 108 -13.00 34.04 9.44
CA ALA A 108 -13.73 32.92 10.04
C ALA A 108 -12.83 31.70 10.35
N GLY A 109 -11.56 31.78 9.97
CA GLY A 109 -10.60 30.70 10.26
C GLY A 109 -10.46 29.68 9.15
N LEU A 110 -11.11 29.95 8.03
CA LEU A 110 -11.07 29.05 6.88
C LEU A 110 -10.20 29.64 5.76
N VAL A 111 -8.91 29.36 5.83
CA VAL A 111 -7.93 30.02 4.97
C VAL A 111 -7.44 29.08 3.87
N TYR A 112 -6.87 27.95 4.26
CA TYR A 112 -6.37 26.96 3.32
C TYR A 112 -7.30 25.75 3.23
N GLY A 113 -7.40 25.19 2.03
CA GLY A 113 -8.24 24.01 1.80
C GLY A 113 -8.50 23.73 0.34
N LEU A 114 -9.49 22.89 0.07
CA LEU A 114 -9.85 22.57 -1.30
C LEU A 114 -11.32 22.16 -1.30
N THR A 115 -11.91 22.26 -2.47
CA THR A 115 -13.29 21.83 -2.70
C THR A 115 -13.24 20.75 -3.78
N MET A 116 -13.78 19.58 -3.46
CA MET A 116 -13.83 18.45 -4.39
C MET A 116 -15.24 18.40 -4.97
N PRO A 117 -15.40 18.63 -6.29
CA PRO A 117 -16.75 18.56 -6.86
C PRO A 117 -17.31 17.16 -6.73
N LEU A 118 -18.64 17.07 -6.59
CA LEU A 118 -19.34 15.79 -6.57
C LEU A 118 -20.37 15.73 -7.70
N HIS A 119 -20.27 14.68 -8.50
CA HIS A 119 -21.20 14.46 -9.60
C HIS A 119 -21.68 13.02 -9.55
N GLY A 120 -22.92 12.83 -9.06
CA GLY A 120 -23.42 11.48 -8.80
C GLY A 120 -23.94 10.78 -10.04
N ALA A 121 -24.11 9.47 -9.92
CA ALA A 121 -24.59 8.63 -11.02
C ALA A 121 -26.00 9.00 -11.49
N ARG A 122 -26.77 9.65 -10.61
CA ARG A 122 -28.12 10.07 -10.97
C ARG A 122 -28.26 11.60 -11.13
N GLY A 123 -27.13 12.26 -11.41
CA GLY A 123 -27.11 13.68 -11.69
C GLY A 123 -27.04 14.60 -10.49
N GLU A 124 -26.82 14.01 -9.31
CA GLU A 124 -26.66 14.78 -8.08
C GLU A 124 -25.45 15.70 -8.26
N LEU A 125 -25.55 16.91 -7.76
CA LEU A 125 -24.47 17.88 -7.86
C LEU A 125 -24.09 18.34 -6.47
N GLY A 126 -22.80 18.30 -6.15
CA GLY A 126 -22.41 18.73 -4.84
C GLY A 126 -20.94 19.03 -4.73
N ALA A 127 -20.47 19.06 -3.48
CA ALA A 127 -19.09 19.39 -3.18
C ALA A 127 -18.73 18.89 -1.79
N LEU A 128 -17.50 18.44 -1.64
CA LEU A 128 -16.94 18.15 -0.33
C LEU A 128 -15.83 19.17 -0.16
N SER A 129 -16.05 20.10 0.75
CA SER A 129 -15.08 21.16 1.02
C SER A 129 -14.37 20.87 2.32
N LEU A 130 -13.04 21.07 2.33
CA LEU A 130 -12.25 20.73 3.51
C LEU A 130 -11.22 21.81 3.77
N SER A 131 -11.11 22.19 5.03
CA SER A 131 -10.15 23.22 5.45
C SER A 131 -9.03 22.56 6.23
N VAL A 132 -7.80 23.02 6.00
CA VAL A 132 -6.63 22.51 6.72
C VAL A 132 -5.95 23.64 7.48
N GLU A 133 -5.69 23.42 8.76
CA GLU A 133 -4.92 24.36 9.57
C GLU A 133 -3.42 24.21 9.28
N ALA A 134 -2.76 25.33 9.01
CA ALA A 134 -1.33 25.33 8.67
C ALA A 134 -0.69 26.69 8.97
N GLU A 135 0.64 26.68 9.06
CA GLU A 135 1.45 27.88 9.31
C GLU A 135 1.44 28.82 8.11
N ASN A 136 1.40 28.23 6.91
CA ASN A 136 1.43 28.96 5.65
C ASN A 136 0.90 28.09 4.50
N ARG A 137 0.69 28.70 3.33
CA ARG A 137 0.14 27.98 2.18
C ARG A 137 1.03 26.82 1.70
N ALA A 138 2.35 27.02 1.71
CA ALA A 138 3.25 25.94 1.28
C ALA A 138 3.08 24.70 2.17
N GLU A 139 2.95 24.93 3.48
CA GLU A 139 2.77 23.84 4.42
C GLU A 139 1.38 23.21 4.18
N ALA A 140 0.37 24.06 4.04
CA ALA A 140 -0.99 23.55 3.76
C ALA A 140 -0.98 22.66 2.53
N ASN A 141 -0.28 23.11 1.49
CA ASN A 141 -0.18 22.34 0.24
C ASN A 141 0.48 20.98 0.43
N ARG A 142 1.56 20.93 1.24
CA ARG A 142 2.21 19.67 1.57
C ARG A 142 1.27 18.73 2.33
N PHE A 143 0.54 19.26 3.31
CA PHE A 143 -0.43 18.46 4.07
C PHE A 143 -1.48 17.88 3.11
N MET A 144 -2.00 18.72 2.22
CA MET A 144 -3.05 18.25 1.30
C MET A 144 -2.53 17.24 0.27
N GLU A 145 -1.39 17.54 -0.36
CA GLU A 145 -0.83 16.62 -1.36
C GLU A 145 -0.60 15.23 -0.76
N SER A 146 -0.19 15.19 0.50
CA SER A 146 0.16 13.95 1.20
C SER A 146 -1.00 12.98 1.37
N VAL A 147 -2.23 13.49 1.35
CA VAL A 147 -3.43 12.67 1.57
C VAL A 147 -4.37 12.64 0.36
N LEU A 148 -3.97 13.28 -0.72
CA LEU A 148 -4.86 13.46 -1.88
C LEU A 148 -5.42 12.13 -2.44
N PRO A 149 -4.59 11.09 -2.61
CA PRO A 149 -5.13 9.81 -3.11
C PRO A 149 -6.24 9.23 -2.22
N THR A 150 -6.06 9.28 -0.90
CA THR A 150 -7.07 8.76 0.04
C THR A 150 -8.32 9.65 0.04
N LEU A 151 -8.13 10.96 0.04
CA LEU A 151 -9.24 11.90 -0.07
C LEU A 151 -10.05 11.68 -1.35
N TRP A 152 -9.35 11.34 -2.43
CA TRP A 152 -10.01 11.11 -3.72
C TRP A 152 -10.97 9.93 -3.62
N MET A 153 -10.56 8.87 -2.91
CA MET A 153 -11.44 7.73 -2.66
C MET A 153 -12.57 8.13 -1.72
N LEU A 154 -12.23 8.82 -0.63
CA LEU A 154 -13.20 9.28 0.37
C LEU A 154 -14.35 10.07 -0.26
N LYS A 155 -14.03 10.99 -1.16
CA LYS A 155 -15.07 11.86 -1.72
C LYS A 155 -16.12 11.09 -2.50
N ASP A 156 -15.68 10.02 -3.19
CA ASP A 156 -16.60 9.18 -3.95
C ASP A 156 -17.41 8.27 -3.04
N TYR A 157 -16.77 7.73 -2.01
CA TYR A 157 -17.52 6.92 -1.02
C TYR A 157 -18.55 7.79 -0.31
N ALA A 158 -18.17 9.03 0.03
CA ALA A 158 -19.10 9.97 0.65
C ALA A 158 -20.25 10.32 -0.29
N LEU A 159 -19.94 10.53 -1.58
CA LEU A 159 -20.98 10.82 -2.56
C LEU A 159 -21.98 9.67 -2.70
N GLN A 160 -21.46 8.45 -2.86
CA GLN A 160 -22.33 7.30 -3.10
C GLN A 160 -23.24 7.03 -1.90
N SER A 161 -22.66 7.01 -0.70
CA SER A 161 -23.41 6.74 0.51
C SER A 161 -24.27 7.93 0.92
N GLY A 162 -23.71 9.13 0.77
CA GLY A 162 -24.41 10.39 1.08
C GLY A 162 -25.65 10.63 0.25
N ALA A 163 -25.59 10.32 -1.05
CA ALA A 163 -26.75 10.47 -1.93
C ALA A 163 -27.88 9.58 -1.46
N GLY A 164 -27.54 8.36 -1.03
CA GLY A 164 -28.56 7.43 -0.49
C GLY A 164 -29.20 7.96 0.77
N LEU A 165 -28.37 8.39 1.71
CA LEU A 165 -28.85 8.94 2.98
C LEU A 165 -29.71 10.19 2.77
N ALA A 166 -29.25 11.06 1.87
CA ALA A 166 -29.91 12.35 1.61
C ALA A 166 -31.25 12.20 0.89
N PHE A 167 -31.28 11.36 -0.14
CA PHE A 167 -32.38 11.39 -1.11
C PHE A 167 -33.17 10.10 -1.21
N GLU A 168 -32.68 9.01 -0.63
CA GLU A 168 -33.31 7.71 -0.88
C GLU A 168 -33.80 6.91 0.32
N HIS A 169 -32.94 6.73 1.31
CA HIS A 169 -33.25 5.83 2.43
C HIS A 169 -34.30 6.43 3.36
N PRO A 170 -35.31 5.63 3.74
CA PRO A 170 -36.28 6.08 4.75
C PRO A 170 -35.62 6.24 6.12
N GLY B 6 1.70 15.39 -12.76
CA GLY B 6 1.83 14.11 -13.52
C GLY B 6 0.53 13.74 -14.25
N PHE B 7 -0.58 13.80 -13.53
CA PHE B 7 -1.89 13.53 -14.10
C PHE B 7 -2.31 14.60 -15.13
N LEU B 8 -1.81 15.82 -14.95
CA LEU B 8 -2.11 16.92 -15.87
C LEU B 8 -1.57 16.72 -17.29
N GLU B 9 -0.71 15.71 -17.48
CA GLU B 9 -0.19 15.38 -18.81
C GLU B 9 -1.30 15.02 -19.78
N LEU B 10 -2.38 14.45 -19.26
CA LEU B 10 -3.54 14.12 -20.08
C LEU B 10 -4.16 15.38 -20.68
N GLU B 11 -4.47 16.35 -19.83
CA GLU B 11 -5.07 17.61 -20.27
C GLU B 11 -4.11 18.40 -21.17
N ARG B 12 -2.81 18.26 -20.90
CA ARG B 12 -1.77 18.96 -21.67
C ARG B 12 -1.31 18.22 -22.92
N SER B 13 -2.06 17.17 -23.30
CA SER B 13 -1.80 16.44 -24.54
C SER B 13 -2.28 17.26 -25.74
N SER B 14 -1.75 16.94 -26.91
CA SER B 14 -1.99 17.73 -28.13
C SER B 14 -3.32 17.42 -28.81
N GLY B 15 -3.83 16.22 -28.60
CA GLY B 15 -5.05 15.76 -29.25
C GLY B 15 -5.36 14.32 -28.94
N LYS B 16 -6.29 13.74 -29.71
CA LYS B 16 -6.78 12.38 -29.47
C LYS B 16 -5.67 11.34 -29.46
N LEU B 17 -4.73 11.45 -30.39
CA LEU B 17 -3.67 10.46 -30.54
C LEU B 17 -2.72 10.44 -29.33
N GLU B 18 -2.19 11.61 -28.95
CA GLU B 18 -1.29 11.69 -27.80
C GLU B 18 -2.02 11.39 -26.48
N TRP B 19 -3.26 11.85 -26.36
CA TRP B 19 -4.07 11.58 -25.17
C TRP B 19 -4.23 10.07 -24.97
N SER B 20 -4.59 9.37 -26.03
CA SER B 20 -4.72 7.91 -26.01
C SER B 20 -3.40 7.21 -25.62
N ALA B 21 -2.30 7.62 -26.25
CA ALA B 21 -0.99 7.05 -25.94
C ALA B 21 -0.58 7.30 -24.49
N ILE B 22 -0.78 8.53 -24.00
CA ILE B 22 -0.47 8.88 -22.62
C ILE B 22 -1.30 8.05 -21.63
N LEU B 23 -2.61 7.97 -21.89
CA LEU B 23 -3.51 7.21 -21.00
C LEU B 23 -3.11 5.74 -20.94
N GLN B 24 -2.87 5.14 -22.09
CA GLN B 24 -2.45 3.73 -22.19
C GLN B 24 -1.09 3.52 -21.52
N LYS B 25 -0.19 4.50 -21.64
CA LYS B 25 1.13 4.43 -21.01
C LYS B 25 1.06 4.55 -19.49
N MET B 26 0.20 5.44 -18.99
CA MET B 26 -0.03 5.59 -17.55
C MET B 26 -0.56 4.28 -16.96
N ALA B 27 -1.54 3.68 -17.64
CA ALA B 27 -2.12 2.42 -17.21
C ALA B 27 -1.06 1.32 -17.18
N SER B 28 -0.28 1.22 -18.26
CA SER B 28 0.79 0.22 -18.37
C SER B 28 1.85 0.36 -17.29
N ASP B 29 2.28 1.59 -17.02
CA ASP B 29 3.26 1.87 -15.96
C ASP B 29 2.72 1.48 -14.59
N LEU B 30 1.40 1.55 -14.45
CA LEU B 30 0.72 1.15 -13.23
C LEU B 30 0.55 -0.37 -13.17
N GLY B 31 0.66 -1.03 -14.33
CA GLY B 31 0.63 -2.50 -14.41
C GLY B 31 -0.55 -3.11 -15.16
N PHE B 32 -1.34 -2.27 -15.82
CA PHE B 32 -2.51 -2.72 -16.58
C PHE B 32 -2.22 -2.68 -18.07
N SER B 33 -2.11 -3.85 -18.70
CA SER B 33 -1.73 -3.92 -20.11
C SER B 33 -2.89 -3.64 -21.07
N LYS B 34 -4.12 -3.74 -20.56
CA LYS B 34 -5.31 -3.50 -21.37
C LYS B 34 -6.23 -2.48 -20.70
N ILE B 35 -6.59 -1.44 -21.43
CA ILE B 35 -7.55 -0.45 -20.93
C ILE B 35 -8.55 -0.04 -21.99
N LEU B 36 -9.75 0.35 -21.55
CA LEU B 36 -10.74 0.92 -22.43
C LEU B 36 -11.41 2.09 -21.73
N PHE B 37 -11.35 3.25 -22.38
CA PHE B 37 -12.04 4.45 -21.94
C PHE B 37 -13.23 4.68 -22.87
N GLY B 38 -14.44 4.71 -22.30
CA GLY B 38 -15.65 5.00 -23.04
C GLY B 38 -16.40 6.16 -22.43
N LEU B 39 -16.98 7.00 -23.29
CA LEU B 39 -17.73 8.18 -22.85
C LEU B 39 -18.85 8.57 -23.81
N LEU B 40 -20.04 8.77 -23.24
CA LEU B 40 -21.22 9.20 -23.99
C LEU B 40 -21.61 10.62 -23.58
N PRO B 41 -22.13 11.42 -24.55
CA PRO B 41 -22.71 12.72 -24.20
C PRO B 41 -23.94 12.55 -23.32
N LYS B 42 -24.30 13.60 -22.57
CA LYS B 42 -25.46 13.58 -21.68
C LYS B 42 -26.73 13.07 -22.38
N ASP B 43 -27.44 12.16 -21.71
CA ASP B 43 -28.71 11.59 -22.20
C ASP B 43 -28.62 10.98 -23.61
N SER B 44 -27.64 10.12 -23.83
CA SER B 44 -27.49 9.44 -25.10
C SER B 44 -28.45 8.26 -25.22
N GLN B 45 -29.05 8.13 -26.40
CA GLN B 45 -30.02 7.05 -26.67
C GLN B 45 -29.31 5.80 -27.20
N ASP B 46 -28.13 5.99 -27.78
CA ASP B 46 -27.35 4.91 -28.37
C ASP B 46 -25.85 5.21 -28.29
N TYR B 47 -25.06 4.50 -29.10
CA TYR B 47 -23.60 4.64 -29.07
C TYR B 47 -23.03 5.36 -30.29
N GLU B 48 -23.88 6.09 -31.01
CA GLU B 48 -23.49 6.77 -32.24
C GLU B 48 -22.49 7.91 -32.02
N ASN B 49 -22.61 8.60 -30.89
CA ASN B 49 -21.71 9.70 -30.55
C ASN B 49 -20.66 9.33 -29.49
N ALA B 50 -20.46 8.03 -29.29
CA ALA B 50 -19.54 7.54 -28.28
C ALA B 50 -18.07 7.81 -28.62
N PHE B 51 -17.32 8.21 -27.59
CA PHE B 51 -15.88 8.37 -27.67
C PHE B 51 -15.27 7.18 -26.96
N ILE B 52 -14.65 6.29 -27.72
CA ILE B 52 -14.10 5.06 -27.17
C ILE B 52 -12.65 4.90 -27.60
N VAL B 53 -11.77 4.77 -26.62
CA VAL B 53 -10.32 4.76 -26.82
C VAL B 53 -9.69 3.70 -25.92
N GLY B 54 -8.70 2.99 -26.46
CA GLY B 54 -7.91 2.08 -25.65
C GLY B 54 -7.20 1.03 -26.48
N ASN B 55 -6.76 -0.04 -25.83
CA ASN B 55 -5.97 -1.07 -26.48
C ASN B 55 -6.51 -2.48 -26.23
N TYR B 56 -7.81 -2.58 -25.96
CA TYR B 56 -8.50 -3.86 -25.97
C TYR B 56 -8.33 -4.43 -27.38
N PRO B 57 -8.14 -5.77 -27.50
CA PRO B 57 -7.99 -6.36 -28.83
C PRO B 57 -9.17 -6.07 -29.76
N ALA B 58 -8.87 -5.81 -31.03
CA ALA B 58 -9.87 -5.57 -32.04
C ALA B 58 -10.94 -6.65 -32.09
N ALA B 59 -10.52 -7.91 -31.97
CA ALA B 59 -11.46 -9.04 -32.08
C ALA B 59 -12.50 -9.02 -30.96
N TRP B 60 -12.07 -8.67 -29.75
CA TRP B 60 -12.98 -8.57 -28.62
C TRP B 60 -13.91 -7.37 -28.75
N ARG B 61 -13.38 -6.21 -29.13
CA ARG B 61 -14.18 -5.02 -29.41
C ARG B 61 -15.28 -5.33 -30.41
N GLU B 62 -14.93 -6.00 -31.50
CA GLU B 62 -15.91 -6.37 -32.53
C GLU B 62 -16.98 -7.33 -31.99
N HIS B 63 -16.54 -8.35 -31.26
CA HIS B 63 -17.45 -9.38 -30.73
C HIS B 63 -18.47 -8.79 -29.75
N TYR B 64 -17.97 -7.95 -28.86
CA TYR B 64 -18.80 -7.25 -27.86
C TYR B 64 -19.92 -6.46 -28.53
N ASP B 65 -19.58 -5.72 -29.57
CA ASP B 65 -20.56 -4.96 -30.35
C ASP B 65 -21.57 -5.87 -31.05
N ARG B 66 -21.07 -6.86 -31.78
CA ARG B 66 -21.94 -7.77 -32.54
C ARG B 66 -22.87 -8.60 -31.65
N ALA B 67 -22.39 -9.00 -30.47
CA ALA B 67 -23.16 -9.81 -29.55
C ALA B 67 -24.16 -8.99 -28.72
N GLY B 68 -24.06 -7.66 -28.81
CA GLY B 68 -24.90 -6.75 -28.04
C GLY B 68 -24.58 -6.84 -26.56
N TYR B 69 -23.30 -6.99 -26.24
CA TYR B 69 -22.88 -7.20 -24.85
C TYR B 69 -23.07 -6.00 -23.92
N ALA B 70 -23.32 -4.81 -24.46
CA ALA B 70 -23.67 -3.66 -23.61
C ALA B 70 -24.95 -3.92 -22.81
N ARG B 71 -25.74 -4.89 -23.27
CA ARG B 71 -26.98 -5.29 -22.59
C ARG B 71 -26.80 -6.48 -21.64
N VAL B 72 -25.57 -6.98 -21.54
CA VAL B 72 -25.26 -8.18 -20.76
C VAL B 72 -24.16 -7.90 -19.72
N ASP B 73 -23.08 -7.29 -20.18
CA ASP B 73 -21.97 -6.86 -19.34
C ASP B 73 -22.48 -6.22 -18.04
N PRO B 74 -22.21 -6.85 -16.88
CA PRO B 74 -22.78 -6.35 -15.62
C PRO B 74 -22.23 -4.99 -15.20
N THR B 75 -21.07 -4.61 -15.73
CA THR B 75 -20.49 -3.31 -15.39
C THR B 75 -21.30 -2.12 -15.95
N VAL B 76 -22.05 -2.36 -17.04
CA VAL B 76 -22.82 -1.29 -17.70
C VAL B 76 -23.90 -0.75 -16.76
N SER B 77 -24.78 -1.63 -16.28
CA SER B 77 -25.81 -1.18 -15.34
C SER B 77 -25.20 -0.64 -14.06
N HIS B 78 -24.11 -1.25 -13.59
CA HIS B 78 -23.43 -0.73 -12.40
C HIS B 78 -23.07 0.75 -12.58
N CYS B 79 -22.49 1.09 -13.72
CA CYS B 79 -22.04 2.47 -13.97
C CYS B 79 -23.19 3.48 -13.95
N THR B 80 -24.40 3.05 -14.31
CA THR B 80 -25.57 3.94 -14.25
C THR B 80 -26.04 4.19 -12.82
N GLN B 81 -25.54 3.40 -11.87
CA GLN B 81 -26.06 3.41 -10.51
C GLN B 81 -25.05 3.91 -9.46
N SER B 82 -23.78 3.98 -9.84
CA SER B 82 -22.74 4.21 -8.85
C SER B 82 -21.55 4.99 -9.41
N VAL B 83 -20.84 5.67 -8.50
CA VAL B 83 -19.53 6.24 -8.78
C VAL B 83 -18.37 5.36 -8.32
N LEU B 84 -18.69 4.23 -7.68
CA LEU B 84 -17.65 3.36 -7.11
C LEU B 84 -17.21 2.28 -8.11
N PRO B 85 -15.96 1.80 -8.01
CA PRO B 85 -15.52 0.79 -8.98
C PRO B 85 -16.22 -0.56 -8.77
N ILE B 86 -16.40 -1.28 -9.86
CA ILE B 86 -16.88 -2.68 -9.82
C ILE B 86 -15.72 -3.57 -10.27
N PHE B 87 -15.27 -4.43 -9.36
CA PHE B 87 -14.21 -5.37 -9.66
C PHE B 87 -14.76 -6.60 -10.38
N TRP B 88 -13.97 -7.14 -11.29
CA TRP B 88 -14.38 -8.31 -12.07
C TRP B 88 -14.24 -9.58 -11.22
N GLU B 89 -15.29 -9.88 -10.48
CA GLU B 89 -15.30 -11.03 -9.58
C GLU B 89 -16.46 -11.94 -9.93
N PRO B 90 -16.36 -13.24 -9.60
CA PRO B 90 -17.44 -14.18 -9.90
C PRO B 90 -18.84 -13.69 -9.50
N SER B 91 -18.96 -13.00 -8.37
CA SER B 91 -20.27 -12.56 -7.86
C SER B 91 -21.04 -11.59 -8.78
N ILE B 92 -20.32 -10.87 -9.64
CA ILE B 92 -20.97 -9.92 -10.57
C ILE B 92 -21.60 -10.60 -11.79
N TYR B 93 -21.24 -11.85 -12.03
CA TYR B 93 -21.84 -12.64 -13.11
C TYR B 93 -22.92 -13.54 -12.53
N GLN B 94 -24.17 -13.10 -12.65
CA GLN B 94 -25.30 -13.73 -11.94
C GLN B 94 -26.05 -14.75 -12.80
N THR B 95 -26.30 -14.39 -14.06
CA THR B 95 -27.00 -15.28 -15.00
C THR B 95 -26.03 -16.04 -15.91
N ARG B 96 -26.51 -17.08 -16.58
CA ARG B 96 -25.70 -17.85 -17.53
C ARG B 96 -25.19 -16.95 -18.68
N LYS B 97 -26.06 -16.04 -19.12
CA LYS B 97 -25.70 -15.04 -20.14
C LYS B 97 -24.51 -14.21 -19.68
N GLN B 98 -24.54 -13.79 -18.41
CA GLN B 98 -23.42 -13.06 -17.83
C GLN B 98 -22.19 -13.95 -17.60
N HIS B 99 -22.43 -15.23 -17.30
N HIS B 99 -22.41 -15.23 -17.31
CA HIS B 99 -21.35 -16.19 -17.16
CA HIS B 99 -21.30 -16.16 -17.17
C HIS B 99 -20.65 -16.45 -18.49
C HIS B 99 -20.62 -16.42 -18.51
N GLU B 100 -21.43 -16.52 -19.58
CA GLU B 100 -20.92 -16.69 -20.94
C GLU B 100 -20.07 -15.47 -21.35
N PHE B 101 -20.54 -14.28 -20.98
CA PHE B 101 -19.77 -13.04 -21.17
C PHE B 101 -18.41 -13.14 -20.49
N PHE B 102 -18.40 -13.57 -19.23
CA PHE B 102 -17.15 -13.78 -18.50
C PHE B 102 -16.22 -14.74 -19.26
N GLU B 103 -16.76 -15.84 -19.76
CA GLU B 103 -15.94 -16.85 -20.45
C GLU B 103 -15.33 -16.30 -21.75
N GLU B 104 -16.12 -15.53 -22.48
CA GLU B 104 -15.72 -14.95 -23.76
C GLU B 104 -14.66 -13.86 -23.57
N ALA B 105 -14.87 -12.99 -22.59
CA ALA B 105 -13.85 -12.02 -22.20
C ALA B 105 -12.55 -12.73 -21.78
N SER B 106 -12.67 -13.79 -20.98
CA SER B 106 -11.52 -14.58 -20.54
C SER B 106 -10.75 -15.19 -21.70
N ALA B 107 -11.49 -15.78 -22.64
CA ALA B 107 -10.90 -16.36 -23.85
C ALA B 107 -10.15 -15.32 -24.65
N ALA B 108 -10.63 -14.08 -24.60
CA ALA B 108 -10.00 -12.94 -25.28
C ALA B 108 -8.77 -12.39 -24.53
N GLY B 109 -8.51 -12.94 -23.34
CA GLY B 109 -7.36 -12.57 -22.52
C GLY B 109 -7.69 -11.65 -21.36
N LEU B 110 -8.98 -11.31 -21.23
CA LEU B 110 -9.43 -10.33 -20.24
C LEU B 110 -10.17 -11.03 -19.11
N VAL B 111 -9.45 -11.38 -18.05
CA VAL B 111 -10.02 -12.16 -16.95
C VAL B 111 -10.04 -11.39 -15.62
N TYR B 112 -8.97 -10.66 -15.31
CA TYR B 112 -8.90 -9.90 -14.07
C TYR B 112 -8.91 -8.41 -14.34
N GLY B 113 -9.64 -7.66 -13.51
CA GLY B 113 -9.71 -6.24 -13.70
C GLY B 113 -10.79 -5.54 -12.90
N LEU B 114 -11.07 -4.31 -13.33
CA LEU B 114 -12.09 -3.47 -12.70
C LEU B 114 -12.60 -2.45 -13.70
N THR B 115 -13.80 -1.94 -13.42
CA THR B 115 -14.43 -0.90 -14.24
C THR B 115 -14.77 0.26 -13.32
N MET B 116 -14.28 1.44 -13.68
CA MET B 116 -14.53 2.66 -12.92
C MET B 116 -15.57 3.51 -13.64
N PRO B 117 -16.75 3.70 -13.03
CA PRO B 117 -17.75 4.54 -13.67
C PRO B 117 -17.24 5.97 -13.82
N LEU B 118 -17.68 6.63 -14.90
CA LEU B 118 -17.37 8.04 -15.12
C LEU B 118 -18.65 8.85 -15.23
N HIS B 119 -18.75 9.90 -14.43
CA HIS B 119 -19.91 10.79 -14.47
C HIS B 119 -19.41 12.21 -14.51
N GLY B 120 -19.56 12.83 -15.66
CA GLY B 120 -18.95 14.15 -15.91
C GLY B 120 -19.81 15.29 -15.40
N ALA B 121 -19.20 16.46 -15.30
CA ALA B 121 -19.87 17.67 -14.80
C ALA B 121 -21.01 18.16 -15.70
N ARG B 122 -20.99 17.76 -16.96
CA ARG B 122 -22.02 18.16 -17.93
C ARG B 122 -22.92 16.99 -18.30
N GLY B 123 -22.95 15.98 -17.44
CA GLY B 123 -23.84 14.84 -17.63
C GLY B 123 -23.28 13.71 -18.46
N GLU B 124 -22.00 13.81 -18.83
CA GLU B 124 -21.33 12.75 -19.57
C GLU B 124 -21.39 11.45 -18.77
N LEU B 125 -21.54 10.34 -19.48
CA LEU B 125 -21.61 9.02 -18.85
C LEU B 125 -20.61 8.11 -19.53
N GLY B 126 -19.79 7.43 -18.72
CA GLY B 126 -18.81 6.54 -19.28
C GLY B 126 -18.24 5.57 -18.28
N ALA B 127 -17.10 5.00 -18.66
CA ALA B 127 -16.41 4.02 -17.83
C ALA B 127 -14.96 3.96 -18.26
N LEU B 128 -14.08 3.73 -17.28
CA LEU B 128 -12.70 3.36 -17.56
C LEU B 128 -12.48 1.95 -17.02
N SER B 129 -12.26 1.02 -17.96
CA SER B 129 -12.01 -0.37 -17.61
C SER B 129 -10.55 -0.71 -17.80
N LEU B 130 -10.00 -1.48 -16.85
CA LEU B 130 -8.60 -1.88 -16.92
C LEU B 130 -8.48 -3.35 -16.57
N SER B 131 -7.68 -4.08 -17.34
CA SER B 131 -7.43 -5.50 -17.07
C SER B 131 -5.96 -5.70 -16.69
N VAL B 132 -5.72 -6.56 -15.71
CA VAL B 132 -4.36 -6.95 -15.34
C VAL B 132 -4.12 -8.43 -15.65
N GLU B 133 -2.96 -8.73 -16.24
CA GLU B 133 -2.56 -10.11 -16.50
C GLU B 133 -2.02 -10.74 -15.22
N ALA B 134 -2.66 -11.82 -14.78
CA ALA B 134 -2.29 -12.51 -13.53
C ALA B 134 -2.53 -14.02 -13.61
N GLU B 135 -1.79 -14.77 -12.79
CA GLU B 135 -1.92 -16.23 -12.75
C GLU B 135 -3.17 -16.67 -11.97
N ASN B 136 -3.57 -15.85 -11.01
CA ASN B 136 -4.75 -16.14 -10.18
C ASN B 136 -5.39 -14.89 -9.59
N ARG B 137 -6.55 -15.06 -8.95
CA ARG B 137 -7.32 -13.97 -8.38
C ARG B 137 -6.64 -13.30 -7.19
N ALA B 138 -5.87 -14.07 -6.42
CA ALA B 138 -5.17 -13.56 -5.24
C ALA B 138 -4.05 -12.59 -5.64
N GLU B 139 -3.30 -12.94 -6.68
CA GLU B 139 -2.25 -12.07 -7.20
C GLU B 139 -2.85 -10.81 -7.82
N ALA B 140 -3.96 -10.97 -8.53
CA ALA B 140 -4.65 -9.84 -9.17
C ALA B 140 -5.15 -8.84 -8.14
N ASN B 141 -5.77 -9.35 -7.08
CA ASN B 141 -6.26 -8.53 -5.98
C ASN B 141 -5.18 -7.75 -5.23
N ARG B 142 -4.08 -8.42 -4.89
CA ARG B 142 -2.95 -7.80 -4.19
C ARG B 142 -2.41 -6.62 -5.00
N PHE B 143 -2.23 -6.85 -6.29
CA PHE B 143 -1.76 -5.82 -7.20
C PHE B 143 -2.73 -4.64 -7.27
N MET B 144 -4.01 -4.93 -7.51
CA MET B 144 -5.02 -3.89 -7.67
C MET B 144 -5.19 -3.05 -6.40
N GLU B 145 -4.99 -3.67 -5.24
CA GLU B 145 -5.08 -2.97 -3.96
C GLU B 145 -3.93 -1.97 -3.78
N SER B 146 -2.77 -2.29 -4.34
CA SER B 146 -1.58 -1.45 -4.20
C SER B 146 -1.65 -0.22 -5.10
N VAL B 147 -2.40 -0.32 -6.20
CA VAL B 147 -2.50 0.78 -7.16
C VAL B 147 -3.84 1.51 -7.11
N LEU B 148 -4.79 0.99 -6.34
CA LEU B 148 -6.15 1.54 -6.35
C LEU B 148 -6.28 3.05 -6.11
N PRO B 149 -5.56 3.60 -5.09
CA PRO B 149 -5.68 5.04 -4.88
C PRO B 149 -5.21 5.90 -6.07
N THR B 150 -4.15 5.45 -6.75
CA THR B 150 -3.64 6.12 -7.94
C THR B 150 -4.62 6.03 -9.10
N LEU B 151 -5.20 4.85 -9.27
CA LEU B 151 -6.18 4.61 -10.32
C LEU B 151 -7.40 5.50 -10.09
N TRP B 152 -7.77 5.66 -8.82
CA TRP B 152 -8.94 6.46 -8.46
C TRP B 152 -8.80 7.92 -8.88
N MET B 153 -7.60 8.49 -8.71
CA MET B 153 -7.33 9.82 -9.22
C MET B 153 -7.29 9.79 -10.74
N LEU B 154 -6.64 8.77 -11.30
CA LEU B 154 -6.50 8.65 -12.77
C LEU B 154 -7.83 8.76 -13.50
N LYS B 155 -8.86 8.07 -13.00
CA LYS B 155 -10.13 8.03 -13.71
C LYS B 155 -10.79 9.41 -13.83
N ASP B 156 -10.64 10.25 -12.81
CA ASP B 156 -11.24 11.58 -12.85
C ASP B 156 -10.44 12.53 -13.76
N TYR B 157 -9.12 12.43 -13.71
CA TYR B 157 -8.29 13.18 -14.66
C TYR B 157 -8.58 12.76 -16.10
N ALA B 158 -8.72 11.46 -16.34
CA ALA B 158 -9.09 10.94 -17.67
C ALA B 158 -10.45 11.47 -18.11
N LEU B 159 -11.43 11.45 -17.20
CA LEU B 159 -12.77 11.98 -17.49
C LEU B 159 -12.77 13.46 -17.88
N GLN B 160 -12.12 14.30 -17.07
CA GLN B 160 -12.15 15.74 -17.29
C GLN B 160 -11.49 16.09 -18.62
N SER B 161 -10.31 15.52 -18.87
CA SER B 161 -9.57 15.77 -20.10
C SER B 161 -10.23 15.14 -21.32
N GLY B 162 -10.64 13.88 -21.19
CA GLY B 162 -11.32 13.19 -22.29
C GLY B 162 -12.60 13.86 -22.74
N ALA B 163 -13.39 14.35 -21.78
CA ALA B 163 -14.62 15.07 -22.08
C ALA B 163 -14.35 16.32 -22.91
N GLY B 164 -13.27 17.04 -22.56
CA GLY B 164 -12.89 18.25 -23.31
C GLY B 164 -12.39 17.94 -24.70
N LEU B 165 -11.73 16.80 -24.82
CA LEU B 165 -11.22 16.31 -26.08
C LEU B 165 -12.36 15.80 -26.97
N ALA B 166 -13.29 15.06 -26.37
CA ALA B 166 -14.34 14.35 -27.11
C ALA B 166 -15.49 15.21 -27.61
N PHE B 167 -15.87 16.22 -26.83
CA PHE B 167 -17.12 16.94 -27.10
C PHE B 167 -16.94 18.44 -27.33
N GLU B 168 -15.68 18.89 -27.41
CA GLU B 168 -15.33 20.25 -27.82
C GLU B 168 -14.12 20.26 -28.76
N LEU C 3 25.79 -12.37 20.12
CA LEU C 3 24.29 -12.31 20.03
C LEU C 3 23.62 -13.64 20.38
N VAL C 4 24.31 -14.74 20.09
CA VAL C 4 23.80 -16.09 20.39
C VAL C 4 23.70 -16.30 21.90
N ASP C 5 24.68 -15.79 22.64
CA ASP C 5 24.64 -15.80 24.10
C ASP C 5 23.46 -14.99 24.64
N GLY C 6 23.20 -13.83 24.02
CA GLY C 6 22.03 -13.03 24.34
C GLY C 6 20.74 -13.76 24.04
N PHE C 7 20.66 -14.36 22.85
CA PHE C 7 19.53 -15.20 22.46
C PHE C 7 19.28 -16.31 23.48
N LEU C 8 20.37 -16.95 23.91
CA LEU C 8 20.32 -18.01 24.93
C LEU C 8 19.67 -17.52 26.22
N GLU C 9 20.12 -16.36 26.71
CA GLU C 9 19.58 -15.73 27.92
C GLU C 9 18.08 -15.47 27.82
N LEU C 10 17.66 -14.96 26.67
CA LEU C 10 16.25 -14.68 26.40
C LEU C 10 15.39 -15.95 26.47
N GLU C 11 15.92 -17.05 25.92
CA GLU C 11 15.27 -18.35 25.99
C GLU C 11 15.25 -18.90 27.42
N ARG C 12 16.25 -18.51 28.21
CA ARG C 12 16.37 -18.93 29.61
C ARG C 12 15.42 -18.17 30.54
N SER C 13 15.17 -16.90 30.24
CA SER C 13 14.46 -15.99 31.15
C SER C 13 13.10 -16.49 31.61
N SER C 14 12.72 -16.06 32.82
CA SER C 14 11.50 -16.53 33.49
C SER C 14 10.21 -16.02 32.88
N GLY C 15 10.21 -14.75 32.44
CA GLY C 15 9.03 -14.13 31.83
C GLY C 15 9.38 -12.89 31.06
N LYS C 16 8.37 -12.10 30.71
CA LYS C 16 8.54 -10.89 29.90
C LYS C 16 9.40 -9.82 30.58
N LEU C 17 9.26 -9.68 31.89
CA LEU C 17 10.05 -8.74 32.70
C LEU C 17 11.55 -8.94 32.49
N GLU C 18 12.00 -10.18 32.66
CA GLU C 18 13.41 -10.52 32.56
C GLU C 18 13.89 -10.47 31.11
N TRP C 19 13.07 -11.01 30.21
CA TRP C 19 13.33 -10.98 28.77
C TRP C 19 13.57 -9.54 28.31
N SER C 20 12.65 -8.65 28.69
CA SER C 20 12.74 -7.23 28.37
C SER C 20 14.04 -6.60 28.85
N ALA C 21 14.43 -6.89 30.10
CA ALA C 21 15.65 -6.33 30.69
C ALA C 21 16.91 -6.72 29.92
N ILE C 22 16.96 -7.97 29.46
CA ILE C 22 18.09 -8.46 28.67
C ILE C 22 18.16 -7.75 27.31
N LEU C 23 17.02 -7.66 26.62
CA LEU C 23 16.97 -6.99 25.32
C LEU C 23 17.34 -5.50 25.45
N GLN C 24 16.78 -4.84 26.46
CA GLN C 24 17.11 -3.44 26.75
C GLN C 24 18.61 -3.26 26.97
N LYS C 25 19.18 -4.14 27.78
CA LYS C 25 20.62 -4.15 28.03
C LYS C 25 21.44 -4.36 26.76
N MET C 26 21.03 -5.33 25.92
CA MET C 26 21.71 -5.60 24.66
C MET C 26 21.71 -4.36 23.75
N ALA C 27 20.55 -3.71 23.67
CA ALA C 27 20.39 -2.49 22.88
C ALA C 27 21.22 -1.35 23.45
N SER C 28 21.22 -1.22 24.78
CA SER C 28 22.02 -0.21 25.49
C SER C 28 23.52 -0.44 25.28
N ASP C 29 23.95 -1.70 25.36
CA ASP C 29 25.35 -2.05 25.12
C ASP C 29 25.80 -1.69 23.70
N LEU C 30 24.88 -1.84 22.75
CA LEU C 30 25.15 -1.55 21.35
C LEU C 30 25.22 -0.04 21.07
N GLY C 31 24.71 0.76 22.00
CA GLY C 31 24.79 2.21 21.92
C GLY C 31 23.46 2.92 21.81
N PHE C 32 22.38 2.15 21.75
CA PHE C 32 21.04 2.73 21.66
C PHE C 32 20.57 3.19 23.03
N SER C 33 19.60 4.09 23.04
CA SER C 33 19.09 4.64 24.29
C SER C 33 17.84 3.90 24.78
N LYS C 34 16.70 4.11 24.13
CA LYS C 34 15.47 3.45 24.52
C LYS C 34 14.96 2.55 23.39
N ILE C 35 14.23 1.50 23.76
CA ILE C 35 13.68 0.57 22.78
C ILE C 35 12.23 0.21 23.11
N LEU C 36 11.51 -0.19 22.06
CA LEU C 36 10.19 -0.77 22.20
C LEU C 36 10.07 -1.93 21.23
N PHE C 37 9.69 -3.08 21.78
CA PHE C 37 9.51 -4.30 21.04
C PHE C 37 8.02 -4.61 21.08
N GLY C 38 7.40 -4.71 19.91
CA GLY C 38 5.97 -4.96 19.82
C GLY C 38 5.67 -6.12 18.90
N LEU C 39 4.72 -6.96 19.29
CA LEU C 39 4.37 -8.13 18.50
C LEU C 39 2.89 -8.47 18.64
N LEU C 40 2.23 -8.65 17.51
CA LEU C 40 0.85 -9.11 17.42
C LEU C 40 0.82 -10.53 16.85
N PRO C 41 -0.19 -11.33 17.25
CA PRO C 41 -0.36 -12.62 16.57
C PRO C 41 -0.95 -12.46 15.16
N LYS C 42 -0.77 -13.49 14.34
CA LYS C 42 -1.24 -13.51 12.96
C LYS C 42 -2.70 -13.03 12.81
N ASP C 43 -2.92 -12.10 11.87
CA ASP C 43 -4.25 -11.57 11.53
C ASP C 43 -4.98 -10.88 12.71
N SER C 44 -4.26 -10.04 13.44
CA SER C 44 -4.85 -9.33 14.59
C SER C 44 -5.76 -8.18 14.17
N GLN C 45 -6.96 -8.17 14.71
CA GLN C 45 -7.94 -7.10 14.44
C GLN C 45 -7.66 -5.86 15.29
N ASP C 46 -7.15 -6.08 16.51
CA ASP C 46 -6.86 -5.01 17.45
C ASP C 46 -5.55 -5.25 18.21
N TYR C 47 -5.40 -4.59 19.36
CA TYR C 47 -4.17 -4.66 20.16
C TYR C 47 -4.34 -5.40 21.48
N GLU C 48 -5.44 -6.13 21.61
CA GLU C 48 -5.77 -6.85 22.84
C GLU C 48 -4.78 -7.97 23.18
N ASN C 49 -4.29 -8.64 22.13
CA ASN C 49 -3.34 -9.73 22.30
C ASN C 49 -1.88 -9.32 22.09
N ALA C 50 -1.64 -8.02 21.98
CA ALA C 50 -0.30 -7.50 21.69
C ALA C 50 0.69 -7.73 22.83
N PHE C 51 1.93 -8.04 22.45
CA PHE C 51 3.04 -8.16 23.37
C PHE C 51 3.93 -6.95 23.12
N ILE C 52 3.81 -5.95 23.99
CA ILE C 52 4.59 -4.72 23.86
C ILE C 52 5.44 -4.53 25.11
N VAL C 53 6.75 -4.39 24.90
CA VAL C 53 7.75 -4.43 25.94
C VAL C 53 8.90 -3.47 25.63
N GLY C 54 9.47 -2.86 26.67
CA GLY C 54 10.62 -1.98 26.51
C GLY C 54 10.72 -0.89 27.55
N ASN C 55 11.47 0.16 27.24
CA ASN C 55 11.71 1.25 28.18
C ASN C 55 11.38 2.66 27.65
N TYR C 56 10.49 2.73 26.67
CA TYR C 56 9.89 4.02 26.27
C TYR C 56 9.17 4.62 27.46
N PRO C 57 9.24 5.96 27.63
CA PRO C 57 8.59 6.60 28.79
C PRO C 57 7.09 6.32 28.85
N ALA C 58 6.59 6.14 30.08
CA ALA C 58 5.19 5.81 30.32
C ALA C 58 4.22 6.86 29.75
N ALA C 59 4.55 8.13 29.93
CA ALA C 59 3.72 9.24 29.48
C ALA C 59 3.49 9.19 27.97
N TRP C 60 4.57 8.90 27.23
CA TRP C 60 4.52 8.78 25.77
C TRP C 60 3.73 7.54 25.32
N ARG C 61 3.98 6.40 25.98
CA ARG C 61 3.20 5.18 25.74
C ARG C 61 1.69 5.44 25.89
N GLU C 62 1.31 6.08 27.00
CA GLU C 62 -0.09 6.40 27.25
C GLU C 62 -0.67 7.35 26.20
N HIS C 63 0.10 8.39 25.87
CA HIS C 63 -0.34 9.39 24.91
C HIS C 63 -0.51 8.80 23.51
N TYR C 64 0.45 7.96 23.10
CA TYR C 64 0.38 7.25 21.83
C TYR C 64 -0.92 6.47 21.72
N ASP C 65 -1.26 5.75 22.79
CA ASP C 65 -2.50 4.96 22.83
C ASP C 65 -3.75 5.82 22.80
N ARG C 66 -3.80 6.81 23.69
CA ARG C 66 -4.94 7.73 23.81
C ARG C 66 -5.21 8.52 22.52
N ALA C 67 -4.13 8.95 21.87
CA ALA C 67 -4.24 9.76 20.64
C ALA C 67 -4.49 8.93 19.38
N GLY C 68 -4.43 7.60 19.52
CA GLY C 68 -4.65 6.68 18.39
C GLY C 68 -3.54 6.73 17.36
N TYR C 69 -2.31 6.97 17.82
CA TYR C 69 -1.18 7.13 16.92
C TYR C 69 -0.75 5.88 16.14
N ALA C 70 -1.27 4.71 16.51
CA ALA C 70 -1.01 3.49 15.72
C ALA C 70 -1.52 3.63 14.29
N ARG C 71 -2.49 4.52 14.10
CA ARG C 71 -3.07 4.79 12.78
C ARG C 71 -2.40 5.97 12.08
N VAL C 72 -1.44 6.60 12.76
CA VAL C 72 -0.78 7.81 12.30
C VAL C 72 0.71 7.57 12.03
N ASP C 73 1.41 7.08 13.06
CA ASP C 73 2.82 6.72 13.02
C ASP C 73 3.18 6.10 11.67
N PRO C 74 4.07 6.76 10.90
CA PRO C 74 4.39 6.25 9.55
C PRO C 74 5.10 4.89 9.56
N THR C 75 5.68 4.51 10.70
CA THR C 75 6.40 3.23 10.78
C THR C 75 5.44 2.03 10.82
N VAL C 76 4.21 2.27 11.27
CA VAL C 76 3.20 1.20 11.36
C VAL C 76 2.83 0.70 9.97
N SER C 77 2.38 1.61 9.09
CA SER C 77 2.08 1.24 7.70
C SER C 77 3.32 0.64 7.03
N HIS C 78 4.49 1.24 7.23
CA HIS C 78 5.72 0.71 6.66
C HIS C 78 5.94 -0.76 7.03
N CYS C 79 5.71 -1.09 8.30
CA CYS C 79 5.94 -2.44 8.81
C CYS C 79 4.98 -3.47 8.16
N THR C 80 3.81 -3.02 7.72
CA THR C 80 2.86 -3.93 7.07
C THR C 80 3.26 -4.24 5.64
N GLN C 81 4.19 -3.45 5.10
CA GLN C 81 4.59 -3.50 3.69
C GLN C 81 6.02 -3.98 3.43
N SER C 82 6.86 -3.97 4.47
CA SER C 82 8.29 -4.15 4.25
C SER C 82 9.00 -4.93 5.36
N VAL C 83 10.16 -5.51 5.03
CA VAL C 83 11.05 -6.11 6.03
C VAL C 83 12.28 -5.26 6.33
N LEU C 84 12.42 -4.14 5.61
CA LEU C 84 13.60 -3.30 5.74
C LEU C 84 13.38 -2.21 6.79
N PRO C 85 14.45 -1.71 7.42
CA PRO C 85 14.25 -0.67 8.44
C PRO C 85 13.71 0.62 7.86
N ILE C 86 12.95 1.35 8.67
CA ILE C 86 12.57 2.73 8.33
C ILE C 86 13.25 3.64 9.35
N PHE C 87 14.14 4.50 8.85
CA PHE C 87 14.85 5.43 9.71
C PHE C 87 13.96 6.63 9.97
N TRP C 88 14.08 7.21 11.16
CA TRP C 88 13.23 8.34 11.56
C TRP C 88 13.71 9.65 10.93
N GLU C 89 13.65 9.71 9.60
CA GLU C 89 14.05 10.88 8.84
C GLU C 89 12.85 11.81 8.69
N PRO C 90 13.07 13.13 8.71
CA PRO C 90 11.94 14.06 8.62
C PRO C 90 11.01 13.78 7.43
N SER C 91 11.56 13.22 6.35
CA SER C 91 10.79 12.93 5.14
C SER C 91 9.70 11.86 5.29
N ILE C 92 9.75 11.08 6.38
CA ILE C 92 8.71 10.07 6.61
C ILE C 92 7.43 10.66 7.21
N TYR C 93 7.50 11.90 7.68
CA TYR C 93 6.33 12.58 8.25
C TYR C 93 5.76 13.53 7.21
N GLN C 94 4.65 13.13 6.60
CA GLN C 94 4.11 13.87 5.46
C GLN C 94 2.74 14.48 5.73
N THR C 95 1.83 13.70 6.31
CA THR C 95 0.48 14.21 6.60
C THR C 95 0.52 15.15 7.81
N ARG C 96 -0.50 15.98 7.97
CA ARG C 96 -0.57 16.89 9.11
C ARG C 96 -0.49 16.13 10.45
N LYS C 97 -1.23 15.02 10.53
CA LYS C 97 -1.22 14.17 11.72
C LYS C 97 0.17 13.61 11.97
N GLN C 98 0.86 13.22 10.90
CA GLN C 98 2.23 12.71 11.02
C GLN C 98 3.22 13.77 11.49
N HIS C 99 3.03 15.02 11.07
CA HIS C 99 3.85 16.12 11.57
CA HIS C 99 3.84 16.13 11.55
C HIS C 99 3.59 16.38 13.04
N GLU C 100 2.33 16.27 13.45
CA GLU C 100 1.93 16.38 14.85
C GLU C 100 2.59 15.27 15.67
N PHE C 101 2.59 14.05 15.12
CA PHE C 101 3.25 12.89 15.73
C PHE C 101 4.74 13.15 15.93
N PHE C 102 5.40 13.66 14.90
CA PHE C 102 6.83 13.99 14.99
C PHE C 102 7.10 14.97 16.12
N GLU C 103 6.29 16.02 16.18
CA GLU C 103 6.43 17.06 17.20
C GLU C 103 6.28 16.50 18.63
N GLU C 104 5.26 15.67 18.83
CA GLU C 104 4.98 15.08 20.15
C GLU C 104 6.05 14.09 20.56
N ALA C 105 6.49 13.25 19.62
CA ALA C 105 7.56 12.29 19.87
C ALA C 105 8.84 13.01 20.29
N SER C 106 9.15 14.09 19.56
CA SER C 106 10.34 14.90 19.84
C SER C 106 10.28 15.56 21.22
N ALA C 107 9.10 16.05 21.58
CA ALA C 107 8.87 16.62 22.92
C ALA C 107 9.03 15.57 24.01
N ALA C 108 8.75 14.32 23.66
CA ALA C 108 8.92 13.19 24.58
C ALA C 108 10.37 12.72 24.63
N GLY C 109 11.22 13.33 23.80
CA GLY C 109 12.64 13.03 23.78
C GLY C 109 13.06 11.97 22.77
N LEU C 110 12.13 11.59 21.89
CA LEU C 110 12.41 10.60 20.85
C LEU C 110 12.41 11.28 19.48
N VAL C 111 13.60 11.49 18.93
CA VAL C 111 13.75 12.18 17.64
C VAL C 111 14.61 11.41 16.65
N TYR C 112 15.74 10.88 17.12
CA TYR C 112 16.62 10.09 16.26
C TYR C 112 16.47 8.61 16.56
N GLY C 113 16.40 7.80 15.51
CA GLY C 113 16.29 6.35 15.67
C GLY C 113 15.81 5.64 14.42
N LEU C 114 15.34 4.40 14.61
CA LEU C 114 14.84 3.59 13.50
C LEU C 114 13.86 2.54 13.98
N THR C 115 13.08 2.01 13.05
CA THR C 115 12.13 0.94 13.36
C THR C 115 12.40 -0.23 12.42
N MET C 116 12.65 -1.40 13.00
CA MET C 116 12.88 -2.63 12.25
C MET C 116 11.59 -3.44 12.25
N PRO C 117 10.98 -3.65 11.07
CA PRO C 117 9.78 -4.48 11.01
C PRO C 117 10.08 -5.90 11.43
N LEU C 118 9.09 -6.56 12.03
CA LEU C 118 9.21 -7.97 12.41
C LEU C 118 8.11 -8.80 11.77
N HIS C 119 8.52 -9.83 11.04
CA HIS C 119 7.57 -10.76 10.44
C HIS C 119 7.93 -12.20 10.77
N GLY C 120 7.13 -12.81 11.63
CA GLY C 120 7.44 -14.12 12.19
C GLY C 120 7.06 -15.28 11.29
N ALA C 121 7.65 -16.44 11.57
CA ALA C 121 7.41 -17.65 10.79
C ALA C 121 5.97 -18.13 10.86
N ARG C 122 5.27 -17.72 11.92
CA ARG C 122 3.87 -18.10 12.12
C ARG C 122 2.90 -16.95 11.88
N GLY C 123 3.37 -15.94 11.15
CA GLY C 123 2.55 -14.79 10.76
C GLY C 123 2.49 -13.66 11.76
N GLU C 124 3.30 -13.74 12.82
CA GLU C 124 3.40 -12.67 13.82
C GLU C 124 3.83 -11.37 13.14
N LEU C 125 3.23 -10.27 13.57
CA LEU C 125 3.53 -8.95 13.02
C LEU C 125 3.98 -7.99 14.12
N GLY C 126 5.11 -7.34 13.90
CA GLY C 126 5.66 -6.46 14.91
C GLY C 126 6.69 -5.48 14.43
N ALA C 127 7.42 -4.94 15.41
CA ALA C 127 8.45 -3.95 15.17
C ALA C 127 9.38 -3.88 16.36
N LEU C 128 10.65 -3.63 16.09
CA LEU C 128 11.61 -3.25 17.12
C LEU C 128 12.03 -1.83 16.81
N SER C 129 11.67 -0.91 17.69
CA SER C 129 12.04 0.49 17.53
C SER C 129 13.11 0.87 18.54
N LEU C 130 14.12 1.59 18.09
CA LEU C 130 15.24 1.97 18.93
C LEU C 130 15.58 3.46 18.73
N SER C 131 15.74 4.18 19.84
CA SER C 131 16.10 5.60 19.77
C SER C 131 17.60 5.77 20.00
N VAL C 132 18.14 6.87 19.49
CA VAL C 132 19.55 7.18 19.68
C VAL C 132 19.70 8.62 20.18
N GLU C 133 20.54 8.78 21.20
CA GLU C 133 20.89 10.09 21.73
C GLU C 133 22.08 10.60 20.94
N ALA C 134 21.96 11.80 20.38
CA ALA C 134 23.01 12.40 19.56
C ALA C 134 22.94 13.93 19.56
N GLU C 135 24.02 14.57 19.11
CA GLU C 135 24.07 16.02 18.97
C GLU C 135 23.20 16.52 17.81
N ASN C 136 23.24 15.79 16.70
CA ASN C 136 22.45 16.09 15.52
C ASN C 136 22.12 14.80 14.76
N ARG C 137 21.29 14.90 13.72
CA ARG C 137 20.86 13.72 12.96
C ARG C 137 21.99 13.06 12.20
N ALA C 138 22.94 13.88 11.72
CA ALA C 138 24.13 13.39 11.03
C ALA C 138 24.95 12.45 11.92
N GLU C 139 25.16 12.86 13.17
CA GLU C 139 25.85 12.02 14.16
C GLU C 139 25.07 10.74 14.44
N ALA C 140 23.75 10.88 14.56
CA ALA C 140 22.86 9.74 14.79
C ALA C 140 22.89 8.72 13.65
N ASN C 141 22.89 9.22 12.41
CA ASN C 141 22.90 8.35 11.23
C ASN C 141 24.23 7.62 11.06
N ARG C 142 25.33 8.29 11.36
CA ARG C 142 26.64 7.66 11.37
C ARG C 142 26.72 6.53 12.39
N PHE C 143 26.18 6.77 13.59
CA PHE C 143 26.14 5.72 14.60
C PHE C 143 25.32 4.53 14.13
N MET C 144 24.10 4.80 13.67
CA MET C 144 23.16 3.75 13.25
C MET C 144 23.73 2.90 12.12
N GLU C 145 24.38 3.55 11.15
CA GLU C 145 25.03 2.86 10.04
C GLU C 145 26.15 1.93 10.52
N SER C 146 26.85 2.34 11.58
CA SER C 146 27.98 1.56 12.11
C SER C 146 27.56 0.30 12.86
N VAL C 147 26.36 0.31 13.43
CA VAL C 147 25.85 -0.83 14.21
C VAL C 147 24.76 -1.62 13.49
N LEU C 148 24.43 -1.21 12.26
CA LEU C 148 23.30 -1.80 11.53
C LEU C 148 23.40 -3.31 11.29
N PRO C 149 24.60 -3.83 10.90
CA PRO C 149 24.71 -5.29 10.73
C PRO C 149 24.38 -6.07 12.01
N THR C 150 24.85 -5.59 13.15
CA THR C 150 24.59 -6.24 14.43
C THR C 150 23.11 -6.16 14.81
N LEU C 151 22.52 -4.97 14.61
CA LEU C 151 21.09 -4.75 14.84
C LEU C 151 20.24 -5.69 13.99
N TRP C 152 20.62 -5.84 12.72
CA TRP C 152 19.86 -6.64 11.77
C TRP C 152 19.76 -8.11 12.23
N MET C 153 20.83 -8.62 12.84
CA MET C 153 20.79 -9.96 13.41
C MET C 153 19.95 -9.96 14.68
N LEU C 154 20.21 -9.00 15.56
CA LEU C 154 19.49 -8.88 16.84
C LEU C 154 17.97 -8.88 16.68
N LYS C 155 17.45 -8.12 15.71
CA LYS C 155 16.00 -8.03 15.55
C LYS C 155 15.33 -9.37 15.23
N ASP C 156 16.02 -10.23 14.48
CA ASP C 156 15.52 -11.57 14.18
C ASP C 156 15.64 -12.52 15.38
N TYR C 157 16.75 -12.44 16.10
CA TYR C 157 16.92 -13.16 17.36
C TYR C 157 15.82 -12.78 18.36
N ALA C 158 15.56 -11.48 18.49
CA ALA C 158 14.51 -10.97 19.36
C ALA C 158 13.14 -11.44 18.90
N LEU C 159 12.90 -11.41 17.59
CA LEU C 159 11.65 -11.91 17.03
C LEU C 159 11.44 -13.39 17.36
N GLN C 160 12.42 -14.22 17.03
CA GLN C 160 12.30 -15.66 17.27
C GLN C 160 12.06 -15.98 18.75
N SER C 161 12.83 -15.34 19.63
CA SER C 161 12.68 -15.58 21.08
C SER C 161 11.40 -14.99 21.66
N GLY C 162 11.10 -13.75 21.27
CA GLY C 162 9.91 -13.05 21.76
C GLY C 162 8.60 -13.71 21.36
N ALA C 163 8.55 -14.23 20.13
CA ALA C 163 7.36 -14.91 19.63
C ALA C 163 7.04 -16.14 20.48
N GLY C 164 8.08 -16.86 20.87
CA GLY C 164 7.94 -18.05 21.71
C GLY C 164 7.55 -17.77 23.14
N LEU C 165 7.78 -16.53 23.59
CA LEU C 165 7.39 -16.10 24.93
C LEU C 165 6.00 -15.45 24.91
N ALA C 166 5.71 -14.72 23.84
CA ALA C 166 4.45 -13.98 23.73
C ALA C 166 3.24 -14.88 23.52
N PHE C 167 3.43 -15.96 22.76
CA PHE C 167 2.30 -16.76 22.28
C PHE C 167 2.40 -18.25 22.55
N GLU C 168 3.62 -18.74 22.83
CA GLU C 168 3.83 -20.16 23.10
C GLU C 168 4.26 -20.39 24.54
N LEU D 3 26.16 -3.46 -1.00
CA LEU D 3 24.91 -4.03 -0.43
C LEU D 3 23.74 -3.05 -0.54
N VAL D 4 23.93 -1.83 -0.05
CA VAL D 4 22.94 -0.76 -0.19
C VAL D 4 22.85 -0.37 -1.66
N ASP D 5 24.01 -0.30 -2.32
CA ASP D 5 24.08 -0.11 -3.77
C ASP D 5 23.58 -1.35 -4.50
N GLY D 6 23.75 -2.52 -3.88
CA GLY D 6 23.29 -3.79 -4.43
C GLY D 6 21.78 -3.89 -4.49
N PHE D 7 21.11 -3.47 -3.42
CA PHE D 7 19.65 -3.41 -3.38
C PHE D 7 19.14 -2.37 -4.37
N LEU D 8 19.87 -1.25 -4.47
CA LEU D 8 19.59 -0.21 -5.46
C LEU D 8 19.67 -0.81 -6.87
N GLU D 9 20.68 -1.64 -7.11
CA GLU D 9 20.83 -2.37 -8.37
C GLU D 9 19.67 -3.36 -8.59
N LEU D 10 19.29 -4.07 -7.53
CA LEU D 10 18.18 -5.02 -7.57
C LEU D 10 16.84 -4.34 -7.87
N GLU D 11 16.67 -3.12 -7.35
CA GLU D 11 15.47 -2.33 -7.60
C GLU D 11 15.46 -1.70 -8.99
N ARG D 12 16.60 -1.15 -9.41
CA ARG D 12 16.75 -0.53 -10.72
C ARG D 12 16.57 -1.53 -11.87
N SER D 13 16.93 -2.78 -11.62
CA SER D 13 16.72 -3.86 -12.59
C SER D 13 15.25 -4.21 -12.70
N SER D 14 14.85 -4.68 -13.87
CA SER D 14 13.49 -5.16 -14.08
C SER D 14 13.52 -6.43 -14.93
N GLY D 15 13.01 -7.52 -14.37
CA GLY D 15 13.01 -8.80 -15.04
C GLY D 15 13.67 -9.88 -14.22
N LYS D 16 13.07 -11.08 -14.26
CA LYS D 16 13.56 -12.27 -13.56
C LYS D 16 15.06 -12.50 -13.77
N LEU D 17 15.50 -12.32 -15.02
CA LEU D 17 16.88 -12.60 -15.45
C LEU D 17 17.91 -11.70 -14.80
N GLU D 18 17.73 -10.39 -14.94
CA GLU D 18 18.69 -9.39 -14.46
C GLU D 18 18.78 -9.38 -12.94
N TRP D 19 17.63 -9.55 -12.28
CA TRP D 19 17.55 -9.55 -10.81
C TRP D 19 18.36 -10.72 -10.24
N SER D 20 18.11 -11.91 -10.77
CA SER D 20 18.85 -13.11 -10.37
C SER D 20 20.35 -12.97 -10.61
N ALA D 21 20.71 -12.41 -11.77
CA ALA D 21 22.11 -12.17 -12.13
C ALA D 21 22.84 -11.31 -11.09
N ILE D 22 22.19 -10.23 -10.66
CA ILE D 22 22.75 -9.32 -9.66
C ILE D 22 22.93 -10.01 -8.30
N LEU D 23 21.90 -10.71 -7.84
CA LEU D 23 21.94 -11.40 -6.54
C LEU D 23 23.06 -12.44 -6.51
N GLN D 24 23.20 -13.18 -7.61
CA GLN D 24 24.26 -14.16 -7.75
C GLN D 24 25.65 -13.55 -7.62
N LYS D 25 25.85 -12.40 -8.26
CA LYS D 25 27.13 -11.69 -8.20
C LYS D 25 27.42 -11.17 -6.80
N MET D 26 26.40 -10.61 -6.14
CA MET D 26 26.54 -10.14 -4.76
C MET D 26 26.99 -11.27 -3.85
N ALA D 27 26.34 -12.43 -4.00
CA ALA D 27 26.69 -13.61 -3.22
C ALA D 27 28.09 -14.11 -3.59
N SER D 28 28.40 -14.09 -4.88
CA SER D 28 29.73 -14.47 -5.37
C SER D 28 30.81 -13.54 -4.84
N ASP D 29 30.51 -12.24 -4.82
CA ASP D 29 31.44 -11.22 -4.29
C ASP D 29 31.70 -11.40 -2.80
N LEU D 30 30.70 -11.89 -2.08
CA LEU D 30 30.83 -12.15 -0.65
C LEU D 30 31.59 -13.45 -0.37
N GLY D 31 31.63 -14.33 -1.37
CA GLY D 31 32.39 -15.58 -1.28
C GLY D 31 31.59 -16.87 -1.37
N PHE D 32 30.34 -16.76 -1.82
CA PHE D 32 29.47 -17.94 -2.01
C PHE D 32 29.27 -18.21 -3.51
N SER D 33 29.70 -19.38 -3.97
CA SER D 33 29.65 -19.69 -5.41
C SER D 33 28.27 -20.07 -5.92
N LYS D 34 27.46 -20.74 -5.09
CA LYS D 34 26.14 -21.18 -5.54
C LYS D 34 25.01 -20.74 -4.59
N ILE D 35 23.94 -20.20 -5.17
CA ILE D 35 22.79 -19.75 -4.39
C ILE D 35 21.46 -20.16 -5.00
N LEU D 36 20.45 -20.30 -4.15
CA LEU D 36 19.08 -20.50 -4.60
C LEU D 36 18.12 -19.64 -3.77
N PHE D 37 17.38 -18.78 -4.46
CA PHE D 37 16.35 -17.93 -3.86
C PHE D 37 14.99 -18.48 -4.26
N GLY D 38 14.20 -18.88 -3.27
CA GLY D 38 12.87 -19.44 -3.51
C GLY D 38 11.83 -18.66 -2.76
N LEU D 39 10.67 -18.42 -3.38
CA LEU D 39 9.60 -17.68 -2.74
C LEU D 39 8.21 -18.18 -3.16
N LEU D 40 7.39 -18.48 -2.17
CA LEU D 40 5.99 -18.87 -2.37
C LEU D 40 5.05 -17.76 -1.90
N PRO D 41 3.99 -17.48 -2.68
CA PRO D 41 2.96 -16.53 -2.25
C PRO D 41 2.17 -17.03 -1.04
N LYS D 42 1.55 -16.10 -0.33
CA LYS D 42 0.78 -16.40 0.89
C LYS D 42 -0.17 -17.59 0.71
N ASP D 43 -0.13 -18.50 1.69
CA ASP D 43 -1.00 -19.68 1.76
C ASP D 43 -0.87 -20.64 0.56
N SER D 44 0.34 -20.81 0.06
CA SER D 44 0.63 -21.75 -1.03
C SER D 44 0.49 -23.20 -0.57
N GLN D 45 -0.14 -24.01 -1.41
CA GLN D 45 -0.37 -25.43 -1.12
C GLN D 45 0.66 -26.32 -1.79
N ASP D 46 1.26 -25.83 -2.88
CA ASP D 46 2.25 -26.59 -3.64
C ASP D 46 3.42 -25.71 -4.11
N TYR D 47 3.83 -25.87 -5.36
CA TYR D 47 4.96 -25.13 -5.93
C TYR D 47 4.66 -24.60 -7.34
N GLU D 48 3.38 -24.49 -7.67
CA GLU D 48 2.95 -24.04 -9.01
C GLU D 48 3.39 -22.61 -9.32
N ASN D 49 3.15 -21.71 -8.36
CA ASN D 49 3.47 -20.29 -8.53
C ASN D 49 4.81 -19.89 -7.87
N ALA D 50 5.60 -20.91 -7.52
CA ALA D 50 6.90 -20.72 -6.87
C ALA D 50 7.86 -19.89 -7.72
N PHE D 51 8.41 -18.86 -7.10
CA PHE D 51 9.45 -18.04 -7.72
C PHE D 51 10.80 -18.57 -7.27
N ILE D 52 11.46 -19.33 -8.14
CA ILE D 52 12.75 -19.92 -7.81
C ILE D 52 13.81 -19.51 -8.82
N VAL D 53 14.85 -18.84 -8.34
CA VAL D 53 15.97 -18.42 -9.19
C VAL D 53 17.30 -18.67 -8.49
N GLY D 54 18.37 -18.80 -9.28
CA GLY D 54 19.71 -19.00 -8.75
C GLY D 54 20.64 -19.71 -9.72
N ASN D 55 21.78 -20.17 -9.20
CA ASN D 55 22.76 -20.88 -10.02
C ASN D 55 23.13 -22.27 -9.49
N TYR D 56 22.23 -22.88 -8.73
CA TYR D 56 22.31 -24.31 -8.41
C TYR D 56 22.33 -25.12 -9.71
N PRO D 57 23.15 -26.18 -9.78
CA PRO D 57 23.24 -26.96 -11.02
C PRO D 57 21.89 -27.51 -11.47
N ALA D 58 21.67 -27.53 -12.78
CA ALA D 58 20.42 -28.04 -13.36
C ALA D 58 20.08 -29.47 -12.94
N ALA D 59 21.09 -30.35 -12.92
CA ALA D 59 20.88 -31.75 -12.58
C ALA D 59 20.33 -31.91 -11.17
N TRP D 60 20.86 -31.11 -10.24
CA TRP D 60 20.42 -31.15 -8.85
C TRP D 60 19.00 -30.58 -8.71
N ARG D 61 18.72 -29.47 -9.40
CA ARG D 61 17.36 -28.90 -9.42
C ARG D 61 16.33 -29.94 -9.88
N GLU D 62 16.62 -30.63 -10.97
CA GLU D 62 15.73 -31.66 -11.53
C GLU D 62 15.57 -32.83 -10.57
N HIS D 63 16.70 -33.26 -9.99
CA HIS D 63 16.73 -34.42 -9.11
C HIS D 63 15.99 -34.16 -7.79
N TYR D 64 16.17 -32.96 -7.24
CA TYR D 64 15.46 -32.53 -6.04
C TYR D 64 13.94 -32.60 -6.25
N ASP D 65 13.49 -32.08 -7.39
CA ASP D 65 12.07 -32.09 -7.75
C ASP D 65 11.53 -33.50 -7.99
N ARG D 66 12.27 -34.29 -8.76
CA ARG D 66 11.88 -35.66 -9.09
C ARG D 66 11.87 -36.58 -7.87
N ALA D 67 12.86 -36.41 -6.98
CA ALA D 67 12.98 -37.25 -5.79
C ALA D 67 12.05 -36.83 -4.66
N GLY D 68 11.35 -35.71 -4.84
CA GLY D 68 10.46 -35.15 -3.82
C GLY D 68 11.16 -34.72 -2.55
N TYR D 69 12.37 -34.18 -2.70
CA TYR D 69 13.23 -33.82 -1.56
C TYR D 69 12.69 -32.70 -0.67
N ALA D 70 11.70 -31.95 -1.16
CA ALA D 70 11.09 -30.89 -0.36
C ALA D 70 10.44 -31.44 0.91
N ARG D 71 10.19 -32.75 0.92
CA ARG D 71 9.63 -33.44 2.08
C ARG D 71 10.71 -34.11 2.94
N VAL D 72 11.96 -34.03 2.50
CA VAL D 72 13.08 -34.67 3.18
C VAL D 72 14.08 -33.62 3.70
N ASP D 73 14.49 -32.73 2.80
CA ASP D 73 15.34 -31.58 3.11
C ASP D 73 14.96 -30.96 4.46
N PRO D 74 15.85 -31.06 5.46
CA PRO D 74 15.54 -30.56 6.81
C PRO D 74 15.32 -29.04 6.89
N THR D 75 15.87 -28.30 5.93
CA THR D 75 15.72 -26.83 5.91
C THR D 75 14.29 -26.39 5.62
N VAL D 76 13.50 -27.24 4.97
CA VAL D 76 12.13 -26.90 4.61
C VAL D 76 11.25 -26.71 5.85
N SER D 77 11.22 -27.71 6.72
CA SER D 77 10.42 -27.60 7.95
C SER D 77 10.97 -26.52 8.87
N HIS D 78 12.30 -26.36 8.89
CA HIS D 78 12.92 -25.32 9.70
C HIS D 78 12.41 -23.93 9.30
N CYS D 79 12.34 -23.67 7.99
CA CYS D 79 11.88 -22.37 7.48
C CYS D 79 10.41 -22.06 7.84
N THR D 80 9.59 -23.09 8.04
CA THR D 80 8.21 -22.87 8.47
C THR D 80 8.11 -22.47 9.94
N GLN D 81 9.19 -22.67 10.68
CA GLN D 81 9.18 -22.53 12.14
C GLN D 81 10.04 -21.40 12.68
N SER D 82 10.96 -20.89 11.85
CA SER D 82 11.99 -19.96 12.33
C SER D 82 12.34 -18.87 11.32
N VAL D 83 12.84 -17.75 11.85
CA VAL D 83 13.45 -16.68 11.05
C VAL D 83 15.00 -16.76 11.08
N LEU D 84 15.54 -17.68 11.88
CA LEU D 84 16.99 -17.78 12.04
C LEU D 84 17.59 -18.75 11.03
N PRO D 85 18.85 -18.53 10.61
CA PRO D 85 19.47 -19.44 9.65
C PRO D 85 19.65 -20.85 10.20
N ILE D 86 19.60 -21.82 9.30
CA ILE D 86 19.99 -23.19 9.62
C ILE D 86 21.25 -23.53 8.80
N PHE D 87 22.37 -23.74 9.50
CA PHE D 87 23.60 -24.13 8.85
C PHE D 87 23.56 -25.60 8.46
N TRP D 88 24.23 -25.96 7.37
CA TRP D 88 24.23 -27.33 6.88
C TRP D 88 25.20 -28.19 7.70
N GLU D 89 24.89 -28.34 8.98
CA GLU D 89 25.72 -29.11 9.91
C GLU D 89 25.32 -30.58 9.88
N PRO D 90 26.28 -31.50 10.17
CA PRO D 90 25.98 -32.92 10.12
C PRO D 90 24.76 -33.30 10.96
N SER D 91 24.51 -32.55 12.04
CA SER D 91 23.41 -32.84 12.97
C SER D 91 22.00 -32.61 12.43
N ILE D 92 21.85 -31.80 11.37
CA ILE D 92 20.51 -31.58 10.81
C ILE D 92 20.06 -32.77 9.95
N TYR D 93 21.00 -33.64 9.60
CA TYR D 93 20.71 -34.87 8.85
C TYR D 93 20.65 -36.04 9.82
N GLN D 94 19.44 -36.39 10.23
CA GLN D 94 19.21 -37.37 11.27
C GLN D 94 18.76 -38.73 10.73
N THR D 95 17.83 -38.71 9.77
CA THR D 95 17.22 -39.94 9.24
C THR D 95 18.02 -40.56 8.09
N ARG D 96 17.55 -41.72 7.62
CA ARG D 96 18.07 -42.40 6.43
C ARG D 96 18.01 -41.49 5.22
N LYS D 97 16.81 -40.99 4.95
CA LYS D 97 16.54 -40.17 3.76
C LYS D 97 17.33 -38.87 3.77
N GLN D 98 17.56 -38.33 4.98
CA GLN D 98 18.31 -37.10 5.16
C GLN D 98 19.81 -37.33 4.95
N HIS D 99 20.30 -38.50 5.38
CA HIS D 99 21.69 -38.88 5.13
C HIS D 99 21.94 -39.05 3.63
N GLU D 100 20.95 -39.62 2.94
CA GLU D 100 21.01 -39.77 1.49
C GLU D 100 20.95 -38.40 0.81
N PHE D 101 20.04 -37.56 1.28
CA PHE D 101 19.94 -36.16 0.82
C PHE D 101 21.29 -35.47 0.92
N PHE D 102 21.95 -35.58 2.08
CA PHE D 102 23.30 -35.05 2.24
C PHE D 102 24.25 -35.60 1.19
N GLU D 103 24.24 -36.93 1.01
CA GLU D 103 25.10 -37.58 0.02
C GLU D 103 24.78 -37.12 -1.40
N GLU D 104 23.48 -37.04 -1.72
CA GLU D 104 23.03 -36.62 -3.05
C GLU D 104 23.42 -35.16 -3.32
N ALA D 105 23.17 -34.29 -2.34
CA ALA D 105 23.58 -32.89 -2.42
C ALA D 105 25.09 -32.75 -2.58
N SER D 106 25.86 -33.44 -1.72
CA SER D 106 27.33 -33.44 -1.78
C SER D 106 27.85 -34.00 -3.11
N ALA D 107 27.25 -35.09 -3.58
CA ALA D 107 27.57 -35.68 -4.88
C ALA D 107 27.23 -34.70 -6.01
N ALA D 108 26.22 -33.87 -5.80
CA ALA D 108 25.88 -32.80 -6.74
C ALA D 108 26.80 -31.59 -6.59
N GLY D 109 27.64 -31.61 -5.55
CA GLY D 109 28.63 -30.57 -5.32
C GLY D 109 28.24 -29.51 -4.31
N LEU D 110 27.18 -29.78 -3.55
CA LEU D 110 26.71 -28.84 -2.53
C LEU D 110 26.81 -29.49 -1.15
N VAL D 111 27.87 -29.13 -0.42
CA VAL D 111 28.14 -29.76 0.88
C VAL D 111 28.12 -28.78 2.05
N TYR D 112 28.77 -27.62 1.87
CA TYR D 112 28.85 -26.62 2.95
C TYR D 112 27.98 -25.43 2.62
N GLY D 113 27.30 -24.90 3.64
CA GLY D 113 26.42 -23.76 3.42
C GLY D 113 25.39 -23.53 4.50
N LEU D 114 24.42 -22.68 4.19
CA LEU D 114 23.34 -22.35 5.13
C LEU D 114 22.09 -21.96 4.36
N THR D 115 20.96 -22.06 5.03
CA THR D 115 19.66 -21.67 4.47
C THR D 115 19.07 -20.60 5.39
N MET D 116 18.71 -19.47 4.79
CA MET D 116 18.09 -18.38 5.55
C MET D 116 16.60 -18.32 5.24
N PRO D 117 15.75 -18.55 6.25
CA PRO D 117 14.31 -18.49 6.00
C PRO D 117 13.88 -17.11 5.57
N LEU D 118 12.84 -17.06 4.75
CA LEU D 118 12.31 -15.79 4.30
C LEU D 118 10.83 -15.71 4.65
N HIS D 119 10.47 -14.64 5.36
CA HIS D 119 9.07 -14.39 5.71
C HIS D 119 8.71 -12.94 5.40
N GLY D 120 8.00 -12.76 4.29
CA GLY D 120 7.67 -11.44 3.77
C GLY D 120 6.53 -10.74 4.50
N ALA D 121 6.43 -9.44 4.28
CA ALA D 121 5.42 -8.60 4.93
C ALA D 121 3.99 -8.94 4.50
N ARG D 122 3.86 -9.51 3.31
CA ARG D 122 2.54 -9.88 2.79
C ARG D 122 2.29 -11.40 2.82
N GLY D 123 3.04 -12.08 3.69
CA GLY D 123 2.82 -13.52 3.94
C GLY D 123 3.62 -14.45 3.05
N GLU D 124 4.53 -13.90 2.26
CA GLU D 124 5.41 -14.71 1.40
C GLU D 124 6.26 -15.64 2.25
N LEU D 125 6.44 -16.87 1.78
CA LEU D 125 7.26 -17.86 2.46
C LEU D 125 8.34 -18.36 1.53
N GLY D 126 9.59 -18.34 1.99
CA GLY D 126 10.68 -18.78 1.17
C GLY D 126 11.98 -19.04 1.91
N ALA D 127 13.07 -19.04 1.15
CA ALA D 127 14.40 -19.29 1.66
C ALA D 127 15.45 -18.78 0.69
N LEU D 128 16.54 -18.27 1.25
CA LEU D 128 17.75 -18.01 0.46
C LEU D 128 18.80 -18.99 0.95
N SER D 129 19.19 -19.92 0.08
CA SER D 129 20.22 -20.89 0.39
C SER D 129 21.51 -20.53 -0.33
N LEU D 130 22.62 -20.68 0.38
CA LEU D 130 23.93 -20.36 -0.16
C LEU D 130 24.92 -21.44 0.20
N SER D 131 25.66 -21.91 -0.79
CA SER D 131 26.71 -22.90 -0.58
C SER D 131 28.08 -22.26 -0.76
N VAL D 132 29.06 -22.77 -0.02
CA VAL D 132 30.43 -22.27 -0.14
C VAL D 132 31.41 -23.39 -0.49
N GLU D 133 32.31 -23.09 -1.42
CA GLU D 133 33.38 -24.00 -1.78
C GLU D 133 34.48 -23.88 -0.71
N ALA D 134 34.76 -24.99 -0.04
CA ALA D 134 35.78 -24.99 1.02
C ALA D 134 36.48 -26.34 1.13
N GLU D 135 37.64 -26.34 1.78
CA GLU D 135 38.47 -27.55 1.92
C GLU D 135 37.85 -28.56 2.89
N ASN D 136 37.12 -28.04 3.88
CA ASN D 136 36.41 -28.84 4.87
C ASN D 136 35.39 -27.96 5.60
N ARG D 137 34.52 -28.59 6.40
CA ARG D 137 33.47 -27.86 7.12
C ARG D 137 33.98 -26.86 8.14
N ALA D 138 35.09 -27.18 8.80
CA ALA D 138 35.72 -26.26 9.75
C ALA D 138 36.10 -24.94 9.10
N GLU D 139 36.71 -25.01 7.91
CA GLU D 139 37.06 -23.82 7.12
C GLU D 139 35.79 -23.11 6.62
N ALA D 140 34.81 -23.90 6.17
CA ALA D 140 33.53 -23.37 5.70
C ALA D 140 32.83 -22.57 6.79
N ASN D 141 32.83 -23.11 8.02
CA ASN D 141 32.20 -22.44 9.15
C ASN D 141 32.91 -21.18 9.58
N ARG D 142 34.24 -21.23 9.60
CA ARG D 142 35.05 -20.03 9.86
C ARG D 142 34.69 -18.92 8.88
N PHE D 143 34.60 -19.25 7.60
CA PHE D 143 34.21 -18.28 6.57
C PHE D 143 32.80 -17.74 6.78
N MET D 144 31.82 -18.63 6.92
CA MET D 144 30.42 -18.22 7.04
C MET D 144 30.17 -17.32 8.25
N GLU D 145 30.84 -17.62 9.35
CA GLU D 145 30.73 -16.79 10.56
C GLU D 145 31.27 -15.38 10.30
N SER D 146 32.35 -15.28 9.52
CA SER D 146 32.99 -14.00 9.23
C SER D 146 32.14 -13.05 8.37
N VAL D 147 31.23 -13.61 7.56
CA VAL D 147 30.41 -12.81 6.66
C VAL D 147 28.92 -12.81 7.04
N LEU D 148 28.58 -13.53 8.11
CA LEU D 148 27.19 -13.69 8.55
C LEU D 148 26.38 -12.37 8.68
N PRO D 149 26.95 -11.31 9.29
CA PRO D 149 26.19 -10.06 9.45
C PRO D 149 25.76 -9.46 8.12
N THR D 150 26.64 -9.53 7.12
CA THR D 150 26.36 -9.02 5.78
C THR D 150 25.27 -9.85 5.11
N LEU D 151 25.40 -11.18 5.23
CA LEU D 151 24.43 -12.12 4.67
C LEU D 151 23.05 -11.90 5.27
N TRP D 152 23.02 -11.60 6.57
CA TRP D 152 21.78 -11.43 7.29
C TRP D 152 21.01 -10.21 6.78
N MET D 153 21.73 -9.16 6.43
CA MET D 153 21.14 -7.98 5.78
C MET D 153 20.69 -8.35 4.36
N LEU D 154 21.57 -9.04 3.64
CA LEU D 154 21.32 -9.42 2.25
C LEU D 154 20.01 -10.20 2.06
N LYS D 155 19.74 -11.16 2.94
CA LYS D 155 18.54 -12.00 2.79
C LYS D 155 17.23 -11.19 2.87
N ASP D 156 17.22 -10.13 3.67
CA ASP D 156 16.06 -9.26 3.75
C ASP D 156 15.93 -8.30 2.55
N TYR D 157 17.05 -7.74 2.09
CA TYR D 157 17.05 -6.95 0.85
C TYR D 157 16.59 -7.79 -0.34
N ALA D 158 17.10 -9.01 -0.42
CA ALA D 158 16.70 -9.96 -1.48
C ALA D 158 15.22 -10.25 -1.37
N LEU D 159 14.74 -10.50 -0.15
CA LEU D 159 13.33 -10.77 0.09
C LEU D 159 12.43 -9.61 -0.36
N GLN D 160 12.74 -8.40 0.10
CA GLN D 160 11.93 -7.23 -0.21
C GLN D 160 11.89 -6.95 -1.71
N SER D 161 13.05 -7.01 -2.36
CA SER D 161 13.17 -6.75 -3.80
C SER D 161 12.55 -7.88 -4.62
N GLY D 162 12.85 -9.11 -4.22
CA GLY D 162 12.36 -10.31 -4.90
C GLY D 162 10.85 -10.47 -4.89
N ALA D 163 10.22 -10.22 -3.74
CA ALA D 163 8.77 -10.31 -3.61
C ALA D 163 8.03 -9.31 -4.49
N GLY D 164 8.64 -8.14 -4.71
CA GLY D 164 8.06 -7.11 -5.56
C GLY D 164 8.14 -7.48 -7.03
N LEU D 165 9.26 -8.11 -7.40
CA LEU D 165 9.50 -8.57 -8.77
C LEU D 165 8.59 -9.74 -9.13
N ALA D 166 8.24 -10.56 -8.13
CA ALA D 166 7.53 -11.81 -8.36
C ALA D 166 6.00 -11.71 -8.29
N PHE D 167 5.48 -11.12 -7.22
CA PHE D 167 4.05 -11.20 -6.93
C PHE D 167 3.31 -9.85 -6.90
N GLU D 168 4.05 -8.76 -7.08
CA GLU D 168 3.45 -7.43 -7.09
C GLU D 168 4.03 -6.57 -8.21
#